data_8BV3
#
_entry.id   8BV3
#
_cell.length_a   81.578
_cell.length_b   81.578
_cell.length_c   223.196
_cell.angle_alpha   90.000
_cell.angle_beta   90.000
_cell.angle_gamma   120.000
#
_symmetry.space_group_name_H-M   'P 32'
#
loop_
_entity.id
_entity.type
_entity.pdbx_description
1 polymer 'Chromosomal replication initiator protein DnaA'
2 non-polymer 'PHOSPHOAMINOPHOSPHONIC ACID-ADENYLATE ESTER'
3 non-polymer 'POTASSIUM ION'
4 non-polymer 'MAGNESIUM ION'
5 water water
#
_entity_poly.entity_id   1
_entity_poly.type   'polypeptide(L)'
_entity_poly.pdbx_seq_one_letter_code
;SDFPQNMLNPKYTFDTFVIGSGNRFAHAASLAVAEAPAKAYNPLFIYGGVGLGKTHLMHAIGHYVIDHNPSAKVVYLSSE
KFTNEFINSIRDNKAVDFRNRYRNVDVLLIDDIQFLAGKEQTQEEFFHTFNTLHEESKQIVISSDRPPKEIPTLEDRLRS
RFEWGLITDITPPDLETRIAILRKKAKAEGLDIPNEVMLYIANQIDSNIRELEGALIRVVAYSSLINKDINADLAAEALK
DII
;
_entity_poly.pdbx_strand_id   A,B,C,D,E
#
# COMPACT_ATOMS: atom_id res chain seq x y z
N MET A 7 5.86 -46.02 -23.92
CA MET A 7 4.77 -45.68 -22.92
C MET A 7 4.95 -46.52 -21.64
N LEU A 8 5.44 -47.75 -21.78
CA LEU A 8 5.63 -48.70 -20.64
C LEU A 8 7.03 -48.56 -20.07
N ASN A 9 7.10 -47.98 -18.86
CA ASN A 9 8.25 -48.01 -17.93
C ASN A 9 8.83 -49.42 -17.86
N PRO A 10 10.13 -49.66 -18.20
CA PRO A 10 10.63 -51.02 -18.44
C PRO A 10 11.19 -51.70 -17.17
N LYS A 11 11.24 -50.96 -16.05
CA LYS A 11 11.49 -51.45 -14.67
C LYS A 11 10.25 -52.16 -14.11
N TYR A 12 9.03 -51.90 -14.66
CA TYR A 12 7.72 -52.42 -14.17
C TYR A 12 7.32 -53.70 -14.93
N THR A 13 7.97 -54.80 -14.58
CA THR A 13 7.71 -56.17 -15.09
C THR A 13 7.21 -57.02 -13.94
N PHE A 14 6.71 -58.21 -14.26
CA PHE A 14 6.39 -59.25 -13.25
C PHE A 14 7.64 -59.60 -12.44
N ASP A 15 8.78 -59.75 -13.11
CA ASP A 15 10.06 -60.16 -12.47
C ASP A 15 10.52 -59.17 -11.42
N THR A 16 10.28 -57.88 -11.58
CA THR A 16 10.74 -56.87 -10.58
C THR A 16 9.67 -56.70 -9.50
N PHE A 17 8.51 -57.36 -9.64
CA PHE A 17 7.35 -57.33 -8.71
C PHE A 17 7.44 -58.40 -7.61
N VAL A 18 7.55 -57.96 -6.37
CA VAL A 18 7.73 -58.87 -5.20
C VAL A 18 6.35 -59.24 -4.66
N ILE A 19 6.08 -60.53 -4.59
CA ILE A 19 4.78 -61.04 -4.09
C ILE A 19 4.83 -61.06 -2.56
N GLY A 20 3.79 -60.56 -1.90
CA GLY A 20 3.58 -60.68 -0.46
C GLY A 20 2.10 -60.92 -0.23
N SER A 21 1.69 -61.24 0.98
CA SER A 21 0.27 -61.51 1.28
C SER A 21 -0.60 -60.35 0.76
N GLY A 22 -0.18 -59.10 0.95
CA GLY A 22 -1.00 -57.89 0.70
C GLY A 22 -1.35 -57.68 -0.77
N ASN A 23 -0.58 -58.27 -1.70
CA ASN A 23 -0.71 -58.06 -3.16
C ASN A 23 -0.90 -59.38 -3.93
N ARG A 24 -0.99 -60.53 -3.26
CA ARG A 24 -0.91 -61.87 -3.92
C ARG A 24 -2.05 -62.04 -4.94
N PHE A 25 -3.28 -61.79 -4.51
CA PHE A 25 -4.50 -61.83 -5.35
C PHE A 25 -4.24 -60.96 -6.60
N ALA A 26 -3.92 -59.67 -6.40
CA ALA A 26 -3.86 -58.72 -7.52
C ALA A 26 -2.79 -59.20 -8.51
N HIS A 27 -1.64 -59.69 -8.00
CA HIS A 27 -0.55 -60.26 -8.84
C HIS A 27 -1.07 -61.45 -9.65
N ALA A 28 -1.82 -62.36 -9.04
CA ALA A 28 -2.25 -63.61 -9.70
C ALA A 28 -3.26 -63.27 -10.81
N ALA A 29 -4.18 -62.36 -10.50
CA ALA A 29 -5.20 -61.86 -11.46
C ALA A 29 -4.47 -61.18 -12.62
N SER A 30 -3.47 -60.35 -12.32
CA SER A 30 -2.73 -59.58 -13.36
C SER A 30 -2.02 -60.54 -14.30
N LEU A 31 -1.44 -61.63 -13.80
CA LEU A 31 -0.75 -62.66 -14.63
C LEU A 31 -1.78 -63.51 -15.39
N ALA A 32 -2.89 -63.89 -14.76
CA ALA A 32 -3.98 -64.65 -15.41
C ALA A 32 -4.34 -63.92 -16.73
N VAL A 33 -4.58 -62.60 -16.62
CA VAL A 33 -5.02 -61.66 -17.69
C VAL A 33 -3.93 -61.55 -18.78
N ALA A 34 -2.68 -61.29 -18.38
CA ALA A 34 -1.51 -61.22 -19.28
C ALA A 34 -1.39 -62.51 -20.13
N GLU A 35 -1.48 -63.68 -19.49
CA GLU A 35 -1.31 -65.01 -20.14
C GLU A 35 -2.47 -65.28 -21.08
N ALA A 36 -3.69 -64.82 -20.74
CA ALA A 36 -4.93 -65.10 -21.51
C ALA A 36 -5.75 -63.82 -21.68
N PRO A 37 -5.30 -62.85 -22.51
CA PRO A 37 -6.00 -61.57 -22.67
C PRO A 37 -7.46 -61.71 -23.09
N ALA A 38 -8.38 -61.06 -22.37
CA ALA A 38 -9.83 -61.05 -22.64
C ALA A 38 -10.45 -62.43 -22.33
N LYS A 39 -9.66 -63.44 -21.98
CA LYS A 39 -10.12 -64.85 -21.81
C LYS A 39 -10.28 -65.19 -20.32
N ALA A 40 -9.50 -64.60 -19.42
CA ALA A 40 -9.45 -65.00 -18.00
C ALA A 40 -10.46 -64.15 -17.20
N TYR A 41 -10.19 -62.86 -17.03
CA TYR A 41 -11.08 -61.93 -16.26
C TYR A 41 -11.20 -60.64 -17.07
N ASN A 42 -12.44 -60.20 -17.34
CA ASN A 42 -12.69 -58.99 -18.14
C ASN A 42 -13.99 -58.35 -17.68
N PRO A 43 -13.94 -57.20 -16.98
CA PRO A 43 -12.68 -56.52 -16.65
C PRO A 43 -11.98 -56.98 -15.36
N LEU A 44 -10.66 -56.71 -15.28
CA LEU A 44 -9.86 -56.68 -14.03
C LEU A 44 -9.88 -55.26 -13.44
N PHE A 45 -10.45 -55.11 -12.24
CA PHE A 45 -10.46 -53.84 -11.46
C PHE A 45 -9.58 -54.00 -10.22
N ILE A 46 -8.43 -53.32 -10.15
CA ILE A 46 -7.42 -53.36 -9.06
C ILE A 46 -7.53 -52.08 -8.23
N TYR A 47 -7.78 -52.13 -6.92
CA TYR A 47 -7.76 -50.89 -6.11
C TYR A 47 -6.79 -51.07 -4.94
N GLY A 48 -6.51 -50.00 -4.22
CA GLY A 48 -5.57 -50.00 -3.07
C GLY A 48 -4.95 -48.63 -2.80
N GLY A 49 -4.21 -48.53 -1.69
CA GLY A 49 -3.60 -47.29 -1.20
C GLY A 49 -2.41 -46.81 -2.02
N VAL A 50 -1.89 -45.63 -1.67
CA VAL A 50 -0.77 -44.93 -2.38
C VAL A 50 0.51 -45.79 -2.31
N GLY A 51 1.14 -45.96 -3.47
CA GLY A 51 2.50 -46.50 -3.65
C GLY A 51 2.57 -48.01 -3.48
N LEU A 52 1.53 -48.77 -3.85
CA LEU A 52 1.44 -50.22 -3.57
C LEU A 52 1.51 -51.09 -4.82
N GLY A 53 1.72 -50.52 -6.02
CA GLY A 53 2.14 -51.31 -7.19
C GLY A 53 1.06 -51.44 -8.25
N LYS A 54 -0.09 -50.78 -8.06
CA LYS A 54 -1.18 -50.77 -9.06
C LYS A 54 -0.62 -50.56 -10.46
N THR A 55 -0.01 -49.39 -10.68
CA THR A 55 0.63 -48.98 -11.97
C THR A 55 1.70 -50.00 -12.35
N HIS A 56 2.52 -50.48 -11.42
CA HIS A 56 3.53 -51.52 -11.72
C HIS A 56 2.83 -52.72 -12.38
N LEU A 57 1.80 -53.30 -11.75
CA LEU A 57 1.04 -54.49 -12.27
C LEU A 57 0.50 -54.16 -13.64
N MET A 58 -0.15 -53.02 -13.80
CA MET A 58 -0.76 -52.62 -15.09
C MET A 58 0.30 -52.62 -16.18
N HIS A 59 1.47 -52.06 -15.91
CA HIS A 59 2.60 -52.03 -16.88
C HIS A 59 3.13 -53.47 -17.10
N ALA A 60 3.12 -54.33 -16.09
CA ALA A 60 3.61 -55.72 -16.17
C ALA A 60 2.71 -56.52 -17.12
N ILE A 61 1.40 -56.29 -17.05
CA ILE A 61 0.39 -56.95 -17.94
C ILE A 61 0.70 -56.56 -19.38
N GLY A 62 0.93 -55.26 -19.57
CA GLY A 62 1.35 -54.63 -20.83
C GLY A 62 2.55 -55.33 -21.46
N HIS A 63 3.72 -55.30 -20.82
CA HIS A 63 4.95 -55.94 -21.35
C HIS A 63 4.58 -57.37 -21.76
N TYR A 64 4.16 -58.19 -20.79
CA TYR A 64 3.87 -59.64 -20.98
C TYR A 64 3.12 -59.81 -22.31
N VAL A 65 2.09 -58.99 -22.54
CA VAL A 65 1.14 -59.19 -23.68
C VAL A 65 1.84 -58.87 -25.01
N ILE A 66 2.67 -57.82 -25.02
CA ILE A 66 3.44 -57.32 -26.19
C ILE A 66 4.59 -58.30 -26.48
N ASP A 67 5.34 -58.67 -25.44
CA ASP A 67 6.48 -59.64 -25.50
C ASP A 67 5.96 -61.00 -26.00
N HIS A 68 4.64 -61.16 -26.06
CA HIS A 68 4.04 -62.46 -26.45
C HIS A 68 3.11 -62.32 -27.66
N ASN A 69 2.78 -61.10 -28.06
CA ASN A 69 1.96 -60.86 -29.29
C ASN A 69 2.37 -59.52 -29.87
N PRO A 70 3.41 -59.45 -30.72
CA PRO A 70 3.89 -58.17 -31.24
C PRO A 70 2.86 -57.44 -32.11
N SER A 71 1.73 -58.09 -32.40
CA SER A 71 0.66 -57.47 -33.20
C SER A 71 -0.43 -56.92 -32.28
N ALA A 72 -0.25 -57.07 -30.96
CA ALA A 72 -1.31 -56.66 -30.00
C ALA A 72 -1.29 -55.15 -29.80
N LYS A 73 -2.41 -54.49 -30.07
CA LYS A 73 -2.47 -53.02 -29.82
C LYS A 73 -2.77 -52.81 -28.33
N VAL A 74 -1.73 -52.45 -27.58
CA VAL A 74 -1.73 -52.34 -26.10
C VAL A 74 -1.52 -50.88 -25.73
N VAL A 75 -2.41 -50.34 -24.90
CA VAL A 75 -2.42 -48.90 -24.59
C VAL A 75 -2.66 -48.70 -23.09
N TYR A 76 -1.71 -48.05 -22.43
CA TYR A 76 -1.78 -47.56 -21.03
C TYR A 76 -1.99 -46.03 -21.08
N LEU A 77 -2.77 -45.48 -20.17
CA LEU A 77 -2.81 -44.01 -19.91
C LEU A 77 -3.61 -43.74 -18.62
N SER A 78 -3.29 -42.72 -17.83
CA SER A 78 -4.16 -42.35 -16.69
C SER A 78 -5.49 -41.87 -17.29
N SER A 79 -6.54 -41.89 -16.48
CA SER A 79 -7.88 -41.37 -16.85
C SER A 79 -7.81 -39.85 -17.06
N GLU A 80 -6.93 -39.16 -16.33
CA GLU A 80 -6.69 -37.70 -16.54
C GLU A 80 -6.23 -37.48 -17.99
N LYS A 81 -5.40 -38.36 -18.55
CA LYS A 81 -4.93 -38.20 -19.96
C LYS A 81 -6.06 -38.53 -20.94
N PHE A 82 -6.82 -39.58 -20.63
CA PHE A 82 -8.02 -40.01 -21.39
C PHE A 82 -9.00 -38.84 -21.41
N THR A 83 -9.17 -38.15 -20.29
CA THR A 83 -10.08 -36.97 -20.20
C THR A 83 -9.58 -35.86 -21.12
N ASN A 84 -8.28 -35.53 -21.04
CA ASN A 84 -7.65 -34.39 -21.76
C ASN A 84 -7.80 -34.67 -23.26
N GLU A 85 -7.49 -35.89 -23.72
CA GLU A 85 -7.51 -36.17 -25.17
C GLU A 85 -8.96 -36.09 -25.66
N PHE A 86 -9.91 -36.47 -24.80
CA PHE A 86 -11.35 -36.51 -25.17
C PHE A 86 -11.90 -35.09 -25.31
N ILE A 87 -11.85 -34.29 -24.22
CA ILE A 87 -12.20 -32.84 -24.18
C ILE A 87 -11.59 -32.09 -25.39
N ASN A 88 -10.32 -32.38 -25.74
CA ASN A 88 -9.63 -31.83 -26.93
C ASN A 88 -10.38 -32.20 -28.20
N SER A 89 -10.59 -33.50 -28.43
CA SER A 89 -11.28 -34.02 -29.65
C SER A 89 -12.66 -33.35 -29.81
N ILE A 90 -13.37 -33.03 -28.74
CA ILE A 90 -14.66 -32.27 -28.82
C ILE A 90 -14.39 -30.85 -29.31
N ARG A 91 -13.51 -30.11 -28.63
CA ARG A 91 -13.21 -28.69 -28.95
C ARG A 91 -12.70 -28.59 -30.40
N ASP A 92 -11.82 -29.52 -30.82
CA ASP A 92 -11.22 -29.59 -32.18
C ASP A 92 -12.08 -30.39 -33.17
N ASN A 93 -13.30 -30.76 -32.76
CA ASN A 93 -14.24 -31.60 -33.56
C ASN A 93 -13.53 -32.77 -34.27
N LYS A 94 -12.70 -33.56 -33.57
CA LYS A 94 -12.07 -34.79 -34.12
C LYS A 94 -12.38 -35.99 -33.18
N ALA A 95 -13.55 -35.98 -32.52
CA ALA A 95 -14.03 -37.06 -31.62
C ALA A 95 -14.01 -38.41 -32.35
N VAL A 96 -14.30 -38.46 -33.64
CA VAL A 96 -14.22 -39.71 -34.47
C VAL A 96 -12.81 -40.33 -34.39
N ASP A 97 -11.76 -39.52 -34.24
CA ASP A 97 -10.36 -39.99 -34.27
C ASP A 97 -9.98 -40.56 -32.89
N PHE A 98 -10.45 -39.92 -31.81
CA PHE A 98 -10.39 -40.43 -30.41
C PHE A 98 -11.08 -41.79 -30.29
N ARG A 99 -12.22 -42.01 -30.96
CA ARG A 99 -12.94 -43.30 -30.91
C ARG A 99 -12.18 -44.34 -31.71
N ASN A 100 -11.65 -44.02 -32.88
CA ASN A 100 -10.97 -45.06 -33.70
C ASN A 100 -9.71 -45.51 -32.94
N ARG A 101 -9.16 -44.62 -32.11
CA ARG A 101 -7.97 -44.90 -31.26
C ARG A 101 -8.39 -45.89 -30.16
N TYR A 102 -9.31 -45.49 -29.26
CA TYR A 102 -9.52 -46.13 -27.93
C TYR A 102 -10.54 -47.28 -28.01
N ARG A 103 -11.41 -47.30 -29.01
CA ARG A 103 -12.42 -48.39 -29.18
C ARG A 103 -11.85 -49.57 -30.00
N ASN A 104 -10.58 -49.58 -30.42
CA ASN A 104 -10.03 -50.65 -31.31
C ASN A 104 -8.65 -51.12 -30.82
N VAL A 105 -8.30 -50.80 -29.58
CA VAL A 105 -7.15 -51.39 -28.84
C VAL A 105 -7.47 -52.84 -28.54
N ASP A 106 -6.44 -53.68 -28.35
CA ASP A 106 -6.57 -55.13 -28.02
C ASP A 106 -6.55 -55.31 -26.49
N VAL A 107 -5.69 -54.56 -25.77
CA VAL A 107 -5.73 -54.39 -24.29
C VAL A 107 -5.80 -52.89 -23.95
N LEU A 108 -6.77 -52.44 -23.15
CA LEU A 108 -6.77 -51.06 -22.60
C LEU A 108 -6.43 -51.10 -21.11
N LEU A 109 -5.31 -50.49 -20.72
CA LEU A 109 -4.86 -50.32 -19.32
C LEU A 109 -5.13 -48.87 -18.88
N ILE A 110 -6.25 -48.58 -18.23
CA ILE A 110 -6.58 -47.19 -17.80
C ILE A 110 -6.41 -47.05 -16.28
N ASP A 111 -5.49 -46.17 -15.82
CA ASP A 111 -5.02 -46.03 -14.42
C ASP A 111 -5.84 -44.96 -13.69
N ASP A 112 -6.16 -45.20 -12.42
CA ASP A 112 -6.65 -44.16 -11.47
C ASP A 112 -7.98 -43.57 -11.92
N ILE A 113 -9.00 -44.41 -12.05
CA ILE A 113 -10.31 -44.00 -12.63
C ILE A 113 -11.06 -43.08 -11.65
N GLN A 114 -10.60 -42.97 -10.41
CA GLN A 114 -11.21 -42.02 -9.44
C GLN A 114 -11.12 -40.58 -9.96
N PHE A 115 -10.19 -40.27 -10.88
CA PHE A 115 -9.98 -38.92 -11.46
C PHE A 115 -11.06 -38.63 -12.50
N LEU A 116 -12.11 -39.46 -12.63
CA LEU A 116 -13.28 -39.19 -13.51
C LEU A 116 -14.45 -38.61 -12.71
N ALA A 117 -14.34 -38.55 -11.38
CA ALA A 117 -15.37 -37.98 -10.46
C ALA A 117 -15.67 -36.54 -10.91
N GLY A 118 -16.95 -36.16 -10.88
CA GLY A 118 -17.46 -34.85 -11.33
C GLY A 118 -17.20 -34.57 -12.80
N LYS A 119 -16.94 -35.59 -13.65
CA LYS A 119 -16.75 -35.43 -15.12
C LYS A 119 -17.84 -36.17 -15.90
N GLU A 120 -19.08 -35.71 -15.80
CA GLU A 120 -20.30 -36.31 -16.40
C GLU A 120 -19.95 -36.79 -17.82
N GLN A 121 -19.37 -35.93 -18.66
CA GLN A 121 -19.17 -36.20 -20.10
C GLN A 121 -18.12 -37.30 -20.33
N THR A 122 -17.02 -37.27 -19.57
CA THR A 122 -15.88 -38.19 -19.82
C THR A 122 -16.27 -39.56 -19.30
N GLN A 123 -16.92 -39.63 -18.14
CA GLN A 123 -17.63 -40.84 -17.64
C GLN A 123 -18.51 -41.49 -18.75
N GLU A 124 -19.51 -40.79 -19.28
CA GLU A 124 -20.28 -41.29 -20.46
C GLU A 124 -19.35 -41.84 -21.57
N GLU A 125 -18.34 -41.09 -22.02
CA GLU A 125 -17.50 -41.56 -23.15
C GLU A 125 -16.71 -42.81 -22.70
N PHE A 126 -16.28 -42.85 -21.44
CA PHE A 126 -15.58 -44.03 -20.90
C PHE A 126 -16.52 -45.25 -20.95
N PHE A 127 -17.78 -45.07 -20.52
CA PHE A 127 -18.88 -46.07 -20.60
C PHE A 127 -18.97 -46.68 -22.01
N HIS A 128 -19.24 -45.86 -23.05
CA HIS A 128 -19.39 -46.31 -24.45
C HIS A 128 -18.11 -47.01 -24.94
N THR A 129 -16.94 -46.48 -24.59
CA THR A 129 -15.64 -47.11 -24.87
C THR A 129 -15.57 -48.51 -24.20
N PHE A 130 -15.91 -48.58 -22.91
CA PHE A 130 -15.95 -49.84 -22.13
C PHE A 130 -16.84 -50.85 -22.86
N ASN A 131 -18.10 -50.52 -23.12
CA ASN A 131 -19.07 -51.42 -23.81
C ASN A 131 -18.51 -51.92 -25.14
N THR A 132 -18.04 -51.04 -26.01
CA THR A 132 -17.45 -51.45 -27.32
C THR A 132 -16.32 -52.46 -27.14
N LEU A 133 -15.39 -52.18 -26.22
CA LEU A 133 -14.19 -53.03 -26.01
C LEU A 133 -14.61 -54.43 -25.50
N HIS A 134 -15.65 -54.48 -24.66
CA HIS A 134 -16.08 -55.72 -23.96
C HIS A 134 -16.76 -56.66 -24.96
N GLU A 135 -17.78 -56.15 -25.67
CA GLU A 135 -18.51 -56.89 -26.73
C GLU A 135 -17.55 -57.25 -27.88
N GLU A 136 -16.38 -56.62 -28.04
CA GLU A 136 -15.42 -57.02 -29.12
C GLU A 136 -14.31 -57.92 -28.59
N SER A 137 -14.49 -58.50 -27.40
CA SER A 137 -13.51 -59.39 -26.72
C SER A 137 -12.12 -58.73 -26.67
N LYS A 138 -12.09 -57.49 -26.16
CA LYS A 138 -10.82 -56.78 -25.84
C LYS A 138 -10.64 -56.72 -24.32
N GLN A 139 -9.40 -56.79 -23.85
CA GLN A 139 -9.10 -56.76 -22.40
C GLN A 139 -9.23 -55.32 -21.87
N ILE A 140 -10.05 -55.12 -20.83
CA ILE A 140 -10.08 -53.87 -20.00
C ILE A 140 -9.46 -54.13 -18.60
N VAL A 141 -8.52 -53.27 -18.20
CA VAL A 141 -7.92 -53.23 -16.83
C VAL A 141 -8.01 -51.80 -16.30
N ILE A 142 -8.75 -51.62 -15.23
CA ILE A 142 -8.96 -50.31 -14.56
C ILE A 142 -8.25 -50.41 -13.21
N SER A 143 -7.49 -49.38 -12.80
CA SER A 143 -6.99 -49.29 -11.41
C SER A 143 -7.69 -48.09 -10.76
N SER A 144 -7.76 -48.12 -9.44
CA SER A 144 -8.40 -47.07 -8.63
C SER A 144 -7.69 -46.98 -7.28
N ASP A 145 -7.88 -45.89 -6.54
CA ASP A 145 -7.36 -45.79 -5.16
C ASP A 145 -8.45 -46.30 -4.20
N ARG A 146 -9.61 -46.74 -4.69
CA ARG A 146 -10.77 -47.13 -3.85
C ARG A 146 -11.77 -47.98 -4.63
N PRO A 147 -12.65 -48.75 -3.98
CA PRO A 147 -13.52 -49.69 -4.70
C PRO A 147 -14.64 -48.95 -5.41
N PRO A 148 -15.28 -49.58 -6.41
CA PRO A 148 -16.28 -48.87 -7.24
C PRO A 148 -17.36 -48.12 -6.43
N LYS A 149 -17.89 -48.74 -5.37
CA LYS A 149 -18.95 -48.14 -4.49
C LYS A 149 -18.49 -46.76 -3.98
N GLU A 150 -17.20 -46.63 -3.61
CA GLU A 150 -16.70 -45.41 -2.92
C GLU A 150 -16.36 -44.30 -3.91
N ILE A 151 -16.48 -44.52 -5.24
CA ILE A 151 -16.21 -43.45 -6.23
C ILE A 151 -17.48 -42.62 -6.40
N PRO A 152 -17.45 -41.31 -6.06
CA PRO A 152 -18.64 -40.45 -6.16
C PRO A 152 -18.97 -39.95 -7.58
N THR A 153 -20.24 -39.59 -7.82
CA THR A 153 -20.80 -39.01 -9.07
C THR A 153 -20.96 -40.08 -10.17
N LEU A 154 -20.59 -41.32 -9.86
CA LEU A 154 -20.61 -42.48 -10.79
C LEU A 154 -22.05 -43.00 -10.94
N GLU A 155 -22.43 -43.38 -12.16
CA GLU A 155 -23.77 -43.98 -12.48
C GLU A 155 -23.70 -45.48 -12.25
N ASP A 156 -24.81 -46.05 -11.75
CA ASP A 156 -25.06 -47.50 -11.55
C ASP A 156 -24.54 -48.26 -12.78
N ARG A 157 -24.93 -47.78 -13.96
CA ARG A 157 -24.65 -48.48 -15.23
C ARG A 157 -23.14 -48.68 -15.39
N LEU A 158 -22.34 -47.75 -14.86
CA LEU A 158 -20.86 -47.74 -15.01
C LEU A 158 -20.23 -48.47 -13.82
N ARG A 159 -20.64 -48.13 -12.59
CA ARG A 159 -20.27 -48.91 -11.38
C ARG A 159 -20.48 -50.41 -11.70
N SER A 160 -21.67 -50.75 -12.19
CA SER A 160 -22.13 -52.14 -12.51
C SER A 160 -21.12 -52.88 -13.40
N ARG A 161 -20.51 -52.18 -14.36
CA ARG A 161 -19.53 -52.81 -15.29
C ARG A 161 -18.18 -52.96 -14.59
N PHE A 162 -17.81 -52.02 -13.71
CA PHE A 162 -16.58 -52.13 -12.88
C PHE A 162 -16.68 -53.39 -11.99
N GLU A 163 -17.88 -53.73 -11.51
CA GLU A 163 -18.11 -54.86 -10.57
C GLU A 163 -18.32 -56.20 -11.30
N TRP A 164 -18.39 -56.20 -12.63
CA TRP A 164 -18.86 -57.33 -13.47
C TRP A 164 -17.74 -58.37 -13.69
N GLY A 165 -16.49 -57.93 -13.59
CA GLY A 165 -15.34 -58.82 -13.79
C GLY A 165 -14.80 -59.20 -12.43
N LEU A 166 -13.50 -59.47 -12.32
CA LEU A 166 -12.79 -59.59 -11.03
C LEU A 166 -12.38 -58.22 -10.48
N ILE A 167 -12.67 -57.98 -9.19
CA ILE A 167 -12.12 -56.92 -8.30
C ILE A 167 -11.07 -57.54 -7.37
N THR A 168 -9.85 -56.96 -7.31
CA THR A 168 -8.77 -57.28 -6.32
C THR A 168 -8.31 -56.02 -5.58
N ASP A 169 -7.98 -56.15 -4.28
CA ASP A 169 -7.43 -55.05 -3.48
C ASP A 169 -5.95 -55.34 -3.20
N ILE A 170 -5.16 -54.28 -3.01
CA ILE A 170 -3.75 -54.37 -2.54
C ILE A 170 -3.65 -53.59 -1.23
N THR A 171 -3.08 -54.25 -0.21
CA THR A 171 -2.86 -53.71 1.15
C THR A 171 -1.35 -53.55 1.33
N PRO A 172 -0.92 -52.68 2.29
CA PRO A 172 0.50 -52.36 2.46
C PRO A 172 1.26 -53.61 2.86
N PRO A 173 2.54 -53.74 2.41
CA PRO A 173 3.36 -54.89 2.79
C PRO A 173 3.78 -54.87 4.27
N ASP A 174 3.99 -56.05 4.85
CA ASP A 174 4.63 -56.22 6.18
C ASP A 174 6.14 -55.96 6.09
N LEU A 175 6.75 -55.88 7.26
CA LEU A 175 8.23 -55.82 7.48
C LEU A 175 8.90 -56.79 6.49
N GLU A 176 8.57 -58.08 6.54
CA GLU A 176 9.24 -59.12 5.70
C GLU A 176 9.15 -58.72 4.23
N THR A 177 7.98 -58.26 3.77
CA THR A 177 7.75 -57.93 2.34
C THR A 177 8.53 -56.66 1.97
N ARG A 178 8.52 -55.65 2.84
CA ARG A 178 9.35 -54.42 2.66
C ARG A 178 10.82 -54.76 2.48
N ILE A 179 11.38 -55.65 3.30
CA ILE A 179 12.79 -56.15 3.17
C ILE A 179 12.95 -56.84 1.79
N ALA A 180 11.98 -57.61 1.34
CA ALA A 180 12.10 -58.37 0.08
C ALA A 180 12.11 -57.40 -1.13
N ILE A 181 11.28 -56.34 -1.02
CA ILE A 181 11.24 -55.19 -1.99
C ILE A 181 12.60 -54.48 -1.96
N LEU A 182 13.18 -54.24 -0.79
CA LEU A 182 14.55 -53.65 -0.69
C LEU A 182 15.62 -54.60 -1.28
N ARG A 183 15.57 -55.90 -1.07
CA ARG A 183 16.67 -56.73 -1.63
C ARG A 183 16.55 -56.80 -3.14
N LYS A 184 15.33 -56.65 -3.66
CA LYS A 184 15.06 -56.82 -5.11
C LYS A 184 15.65 -55.63 -5.87
N LYS A 185 15.45 -54.39 -5.41
CA LYS A 185 16.06 -53.18 -6.04
C LYS A 185 17.58 -53.28 -5.90
N ALA A 186 18.09 -53.71 -4.75
CA ALA A 186 19.55 -53.85 -4.50
C ALA A 186 20.16 -54.88 -5.45
N LYS A 187 19.50 -56.01 -5.70
CA LYS A 187 19.95 -57.04 -6.67
C LYS A 187 20.09 -56.37 -8.04
N ALA A 188 19.20 -55.43 -8.38
CA ALA A 188 19.04 -54.88 -9.75
C ALA A 188 20.27 -54.06 -10.16
N GLU A 189 21.06 -53.58 -9.18
CA GLU A 189 22.29 -52.76 -9.35
C GLU A 189 23.51 -53.45 -8.69
N GLY A 190 23.49 -54.78 -8.56
CA GLY A 190 24.64 -55.58 -8.09
C GLY A 190 25.16 -55.13 -6.74
N LEU A 191 24.29 -54.85 -5.77
CA LEU A 191 24.73 -54.25 -4.48
C LEU A 191 24.81 -55.31 -3.37
N ASP A 192 25.99 -55.45 -2.75
CA ASP A 192 26.23 -56.29 -1.55
C ASP A 192 25.84 -55.46 -0.32
N ILE A 193 24.71 -55.79 0.32
CA ILE A 193 24.17 -54.99 1.47
C ILE A 193 23.83 -55.93 2.61
N PRO A 194 24.36 -55.69 3.84
CA PRO A 194 23.95 -56.44 5.03
C PRO A 194 22.45 -56.38 5.38
N ASN A 195 21.92 -57.49 5.91
CA ASN A 195 20.49 -57.70 6.24
C ASN A 195 20.09 -56.80 7.42
N GLU A 196 21.05 -56.39 8.26
CA GLU A 196 20.81 -55.50 9.42
C GLU A 196 20.42 -54.08 8.93
N VAL A 197 20.94 -53.69 7.76
CA VAL A 197 20.67 -52.39 7.08
C VAL A 197 19.22 -52.39 6.56
N MET A 198 18.89 -53.31 5.63
CA MET A 198 17.52 -53.58 5.12
C MET A 198 16.53 -53.58 6.27
N LEU A 199 16.78 -54.41 7.28
CA LEU A 199 15.96 -54.48 8.51
C LEU A 199 15.75 -53.06 9.09
N TYR A 200 16.85 -52.30 9.29
CA TYR A 200 16.81 -50.93 9.87
C TYR A 200 15.93 -50.03 8.99
N ILE A 201 16.21 -49.96 7.68
CA ILE A 201 15.44 -49.16 6.68
C ILE A 201 13.95 -49.53 6.75
N ALA A 202 13.60 -50.79 6.42
CA ALA A 202 12.21 -51.30 6.44
C ALA A 202 11.52 -50.94 7.78
N ASN A 203 12.23 -50.94 8.90
CA ASN A 203 11.59 -50.59 10.21
C ASN A 203 11.17 -49.12 10.27
N GLN A 204 11.99 -48.18 9.79
CA GLN A 204 11.69 -46.72 9.86
C GLN A 204 10.57 -46.40 8.86
N ILE A 205 10.72 -46.87 7.63
CA ILE A 205 9.76 -46.50 6.54
C ILE A 205 8.68 -47.56 6.35
N ASP A 206 7.56 -47.42 7.06
CA ASP A 206 6.41 -48.32 6.86
C ASP A 206 5.27 -47.46 6.29
N SER A 207 5.37 -47.10 5.03
CA SER A 207 4.37 -46.17 4.43
C SER A 207 4.09 -46.60 2.99
N ASN A 208 4.91 -46.12 2.06
CA ASN A 208 4.75 -46.46 0.62
C ASN A 208 6.09 -46.96 0.13
N ILE A 209 6.10 -47.72 -0.95
CA ILE A 209 7.37 -48.33 -1.45
C ILE A 209 8.21 -47.22 -2.11
N ARG A 210 7.62 -46.05 -2.33
CA ARG A 210 8.38 -44.90 -2.88
C ARG A 210 9.26 -44.34 -1.78
N GLU A 211 8.66 -44.05 -0.64
CA GLU A 211 9.43 -43.53 0.52
C GLU A 211 10.55 -44.53 0.81
N LEU A 212 10.21 -45.83 0.79
CA LEU A 212 11.13 -46.99 0.99
C LEU A 212 12.24 -47.02 -0.07
N GLU A 213 11.89 -47.08 -1.34
CA GLU A 213 12.84 -47.02 -2.49
C GLU A 213 13.79 -45.84 -2.25
N GLY A 214 13.26 -44.71 -1.76
CA GLY A 214 14.02 -43.46 -1.63
C GLY A 214 15.00 -43.52 -0.47
N ALA A 215 14.57 -44.10 0.64
CA ALA A 215 15.39 -44.28 1.86
C ALA A 215 16.58 -45.19 1.51
N LEU A 216 16.41 -46.12 0.58
CA LEU A 216 17.57 -46.95 0.14
C LEU A 216 18.49 -46.12 -0.75
N ILE A 217 17.94 -45.46 -1.76
CA ILE A 217 18.76 -44.68 -2.73
C ILE A 217 19.71 -43.76 -1.94
N ARG A 218 19.18 -43.10 -0.91
CA ARG A 218 20.00 -42.20 -0.06
C ARG A 218 21.15 -42.97 0.56
N VAL A 219 20.85 -43.94 1.42
CA VAL A 219 21.91 -44.69 2.16
C VAL A 219 23.03 -45.07 1.20
N VAL A 220 22.68 -45.61 0.03
CA VAL A 220 23.72 -46.06 -0.95
C VAL A 220 24.50 -44.84 -1.44
N ALA A 221 23.82 -43.83 -1.98
CA ALA A 221 24.50 -42.64 -2.54
C ALA A 221 25.45 -42.03 -1.53
N TYR A 222 25.08 -42.08 -0.26
CA TYR A 222 25.93 -41.52 0.80
C TYR A 222 27.16 -42.40 0.98
N SER A 223 26.97 -43.71 1.11
CA SER A 223 28.11 -44.65 1.19
C SER A 223 29.07 -44.34 0.06
N SER A 224 28.54 -44.01 -1.12
CA SER A 224 29.39 -43.73 -2.30
C SER A 224 30.16 -42.42 -2.10
N LEU A 225 29.48 -41.38 -1.63
CA LEU A 225 30.13 -40.05 -1.50
C LEU A 225 31.29 -40.15 -0.51
N ILE A 226 31.07 -40.78 0.62
CA ILE A 226 32.11 -40.86 1.69
C ILE A 226 32.97 -42.13 1.48
N ASN A 227 32.68 -42.89 0.43
CA ASN A 227 33.43 -44.10 -0.01
C ASN A 227 33.66 -45.05 1.18
N LYS A 228 32.60 -45.43 1.90
CA LYS A 228 32.64 -46.34 3.08
C LYS A 228 31.57 -47.42 2.95
N ASP A 229 31.89 -48.64 3.40
CA ASP A 229 31.02 -49.85 3.42
C ASP A 229 29.69 -49.55 4.12
N ILE A 230 28.63 -50.15 3.61
CA ILE A 230 27.23 -49.90 4.06
C ILE A 230 26.98 -50.66 5.37
N ASN A 231 26.41 -50.02 6.39
CA ASN A 231 26.07 -50.67 7.69
C ASN A 231 25.09 -49.79 8.49
N ALA A 232 24.43 -50.37 9.50
CA ALA A 232 23.30 -49.76 10.26
C ALA A 232 23.75 -48.48 10.98
N ASP A 233 25.04 -48.33 11.28
CA ASP A 233 25.65 -47.07 11.78
C ASP A 233 25.56 -45.98 10.67
N LEU A 234 26.06 -46.28 9.47
CA LEU A 234 25.99 -45.40 8.25
C LEU A 234 24.52 -45.14 7.88
N ALA A 235 23.73 -46.19 7.66
CA ALA A 235 22.32 -46.09 7.23
C ALA A 235 21.58 -45.04 8.08
N ALA A 236 21.72 -45.10 9.41
CA ALA A 236 20.96 -44.25 10.36
C ALA A 236 21.39 -42.78 10.22
N GLU A 237 22.69 -42.56 9.99
CA GLU A 237 23.31 -41.23 9.72
C GLU A 237 22.66 -40.63 8.47
N ALA A 238 22.63 -41.40 7.37
CA ALA A 238 22.13 -40.96 6.05
C ALA A 238 20.62 -40.67 6.08
N LEU A 239 19.88 -41.05 7.14
CA LEU A 239 18.39 -41.00 7.15
C LEU A 239 17.80 -40.11 8.26
N LYS A 240 18.61 -39.43 9.09
CA LYS A 240 18.16 -38.47 10.13
C LYS A 240 17.10 -37.50 9.58
N ASP A 241 17.28 -37.02 8.33
CA ASP A 241 16.53 -35.90 7.68
C ASP A 241 16.06 -36.28 6.25
N MET B 7 18.17 -19.64 -21.94
CA MET B 7 17.45 -19.51 -20.64
C MET B 7 18.42 -19.72 -19.47
N LEU B 8 19.54 -20.44 -19.67
CA LEU B 8 20.47 -20.87 -18.59
C LEU B 8 21.61 -19.85 -18.43
N ASN B 9 21.95 -19.56 -17.17
CA ASN B 9 23.04 -18.63 -16.83
C ASN B 9 24.37 -19.25 -17.25
N PRO B 10 25.15 -18.58 -18.13
CA PRO B 10 26.47 -19.08 -18.51
C PRO B 10 27.43 -19.10 -17.31
N LYS B 11 27.20 -18.26 -16.28
CA LYS B 11 28.07 -18.24 -15.05
C LYS B 11 27.86 -19.48 -14.18
N TYR B 12 26.70 -20.15 -14.27
CA TYR B 12 26.31 -21.29 -13.38
C TYR B 12 26.55 -22.65 -14.06
N THR B 13 27.78 -23.16 -13.93
CA THR B 13 28.22 -24.48 -14.45
C THR B 13 28.88 -25.26 -13.31
N PHE B 14 29.27 -26.50 -13.55
CA PHE B 14 29.93 -27.35 -12.52
C PHE B 14 31.35 -26.83 -12.29
N ASP B 15 31.90 -26.24 -13.32
CA ASP B 15 33.19 -25.49 -13.36
C ASP B 15 33.18 -24.37 -12.29
N THR B 16 32.25 -23.39 -12.36
CA THR B 16 32.18 -22.24 -11.42
C THR B 16 31.66 -22.62 -10.03
N PHE B 17 31.30 -23.89 -9.80
CA PHE B 17 30.74 -24.35 -8.51
C PHE B 17 31.85 -24.94 -7.64
N VAL B 18 32.16 -24.26 -6.56
CA VAL B 18 33.19 -24.70 -5.58
C VAL B 18 32.54 -25.68 -4.59
N ILE B 19 33.19 -26.82 -4.39
CA ILE B 19 32.68 -27.97 -3.59
C ILE B 19 33.23 -27.86 -2.16
N GLY B 20 32.41 -28.04 -1.14
CA GLY B 20 32.82 -27.94 0.27
C GLY B 20 32.00 -28.95 1.02
N SER B 21 32.15 -29.12 2.33
CA SER B 21 31.55 -30.29 3.04
C SER B 21 30.05 -30.09 3.05
N GLY B 22 29.62 -28.82 3.13
CA GLY B 22 28.22 -28.36 3.11
C GLY B 22 27.47 -28.66 1.81
N ASN B 23 28.16 -28.93 0.68
CA ASN B 23 27.48 -29.07 -0.63
C ASN B 23 27.98 -30.26 -1.45
N ARG B 24 28.79 -31.17 -0.89
CA ARG B 24 29.46 -32.26 -1.64
C ARG B 24 28.39 -33.20 -2.21
N PHE B 25 27.43 -33.54 -1.35
CA PHE B 25 26.31 -34.46 -1.68
C PHE B 25 25.54 -33.95 -2.89
N ALA B 26 25.04 -32.71 -2.79
CA ALA B 26 24.20 -32.12 -3.85
C ALA B 26 25.01 -32.02 -5.14
N HIS B 27 26.31 -31.70 -5.00
CA HIS B 27 27.17 -31.58 -6.20
C HIS B 27 27.23 -32.94 -6.88
N ALA B 28 27.59 -33.99 -6.16
CA ALA B 28 27.73 -35.36 -6.71
C ALA B 28 26.40 -35.78 -7.34
N ALA B 29 25.33 -35.72 -6.55
CA ALA B 29 23.98 -36.05 -7.03
C ALA B 29 23.76 -35.35 -8.38
N SER B 30 24.04 -34.04 -8.45
CA SER B 30 23.67 -33.23 -9.63
C SER B 30 24.51 -33.64 -10.84
N LEU B 31 25.78 -34.03 -10.58
CA LEU B 31 26.77 -34.44 -11.62
C LEU B 31 26.35 -35.81 -12.19
N ALA B 32 26.04 -36.76 -11.28
CA ALA B 32 25.43 -38.08 -11.57
C ALA B 32 24.17 -37.90 -12.44
N VAL B 33 23.15 -37.20 -11.92
CA VAL B 33 21.92 -36.90 -12.70
C VAL B 33 22.34 -36.44 -14.10
N ALA B 34 23.31 -35.52 -14.16
CA ALA B 34 23.68 -34.81 -15.42
C ALA B 34 24.38 -35.80 -16.36
N GLU B 35 25.24 -36.65 -15.81
CA GLU B 35 26.00 -37.69 -16.53
C GLU B 35 25.00 -38.72 -17.09
N ALA B 36 24.06 -39.18 -16.26
CA ALA B 36 23.02 -40.20 -16.58
C ALA B 36 21.59 -39.63 -16.40
N PRO B 37 21.09 -38.75 -17.32
CA PRO B 37 19.73 -38.24 -17.21
C PRO B 37 18.74 -39.41 -17.10
N ALA B 38 17.98 -39.47 -16.01
CA ALA B 38 16.85 -40.41 -15.83
C ALA B 38 17.34 -41.81 -15.43
N LYS B 39 18.63 -42.13 -15.58
CA LYS B 39 19.18 -43.49 -15.26
C LYS B 39 19.82 -43.52 -13.87
N ALA B 40 20.04 -42.38 -13.19
CA ALA B 40 20.83 -42.31 -11.94
C ALA B 40 19.94 -42.04 -10.72
N TYR B 41 19.45 -40.82 -10.54
CA TYR B 41 18.42 -40.49 -9.51
C TYR B 41 17.29 -39.70 -10.17
N ASN B 42 16.05 -40.16 -9.98
CA ASN B 42 14.87 -39.58 -10.67
C ASN B 42 13.67 -39.83 -9.82
N PRO B 43 13.14 -38.83 -9.09
CA PRO B 43 13.62 -37.46 -9.16
C PRO B 43 14.79 -37.16 -8.20
N LEU B 44 15.55 -36.11 -8.51
CA LEU B 44 16.51 -35.49 -7.54
C LEU B 44 15.82 -34.27 -6.93
N PHE B 45 15.85 -34.22 -5.60
CA PHE B 45 15.18 -33.15 -4.83
C PHE B 45 16.21 -32.46 -3.95
N ILE B 46 16.46 -31.15 -4.16
CA ILE B 46 17.54 -30.41 -3.44
C ILE B 46 16.90 -29.35 -2.55
N TYR B 47 17.30 -29.27 -1.28
CA TYR B 47 16.78 -28.28 -0.33
C TYR B 47 17.92 -27.65 0.45
N GLY B 48 17.71 -26.44 0.94
CA GLY B 48 18.72 -25.74 1.74
C GLY B 48 18.37 -24.27 1.90
N GLY B 49 19.07 -23.60 2.81
CA GLY B 49 18.89 -22.18 3.15
C GLY B 49 19.20 -21.24 1.99
N VAL B 50 19.15 -19.95 2.25
CA VAL B 50 19.25 -18.88 1.23
C VAL B 50 20.65 -18.82 0.60
N GLY B 51 20.70 -18.67 -0.72
CA GLY B 51 21.95 -18.39 -1.45
C GLY B 51 23.08 -19.38 -1.18
N LEU B 52 22.84 -20.68 -1.37
CA LEU B 52 23.81 -21.76 -1.10
C LEU B 52 24.04 -22.64 -2.32
N GLY B 53 23.39 -22.31 -3.44
CA GLY B 53 23.79 -22.85 -4.76
C GLY B 53 22.77 -23.77 -5.41
N LYS B 54 21.54 -23.80 -4.94
CA LYS B 54 20.49 -24.69 -5.51
C LYS B 54 20.25 -24.37 -6.99
N THR B 55 19.97 -23.11 -7.29
CA THR B 55 19.65 -22.67 -8.67
C THR B 55 20.89 -22.91 -9.55
N HIS B 56 22.07 -22.57 -9.05
CA HIS B 56 23.36 -22.74 -9.72
C HIS B 56 23.48 -24.21 -10.12
N LEU B 57 23.30 -25.14 -9.17
CA LEU B 57 23.40 -26.61 -9.40
C LEU B 57 22.36 -27.04 -10.45
N MET B 58 21.18 -26.42 -10.46
CA MET B 58 20.12 -26.81 -11.42
C MET B 58 20.52 -26.36 -12.82
N HIS B 59 21.10 -25.17 -12.96
CA HIS B 59 21.54 -24.66 -14.28
C HIS B 59 22.74 -25.47 -14.75
N ALA B 60 23.60 -25.85 -13.80
CA ALA B 60 24.75 -26.75 -14.05
C ALA B 60 24.24 -28.04 -14.70
N ILE B 61 23.19 -28.66 -14.17
CA ILE B 61 22.62 -29.92 -14.74
C ILE B 61 22.15 -29.60 -16.16
N GLY B 62 21.41 -28.52 -16.34
CA GLY B 62 20.94 -28.13 -17.68
C GLY B 62 22.09 -27.95 -18.68
N HIS B 63 23.05 -27.08 -18.36
CA HIS B 63 24.27 -26.78 -19.18
C HIS B 63 24.91 -28.07 -19.67
N TYR B 64 25.15 -29.04 -18.78
CA TYR B 64 25.84 -30.32 -19.07
C TYR B 64 25.02 -31.20 -20.01
N VAL B 65 23.72 -31.34 -19.77
CA VAL B 65 22.83 -32.23 -20.57
C VAL B 65 22.77 -31.69 -22.00
N ILE B 66 22.58 -30.38 -22.16
CA ILE B 66 22.43 -29.78 -23.52
C ILE B 66 23.73 -29.96 -24.28
N ASP B 67 24.85 -29.99 -23.56
CA ASP B 67 26.17 -30.08 -24.23
C ASP B 67 26.55 -31.53 -24.47
N HIS B 68 25.90 -32.47 -23.78
CA HIS B 68 26.17 -33.91 -23.99
C HIS B 68 24.98 -34.54 -24.72
N ASN B 69 24.10 -33.70 -25.30
CA ASN B 69 22.89 -34.19 -25.99
C ASN B 69 22.16 -32.97 -26.53
N PRO B 70 22.57 -32.40 -27.69
CA PRO B 70 21.99 -31.15 -28.16
C PRO B 70 20.55 -31.28 -28.64
N SER B 71 19.96 -32.47 -28.50
CA SER B 71 18.54 -32.67 -28.89
C SER B 71 17.67 -32.55 -27.65
N ALA B 72 18.19 -32.97 -26.49
CA ALA B 72 17.39 -33.01 -25.25
C ALA B 72 16.60 -31.72 -25.03
N LYS B 73 15.33 -31.87 -24.65
CA LYS B 73 14.52 -30.69 -24.28
C LYS B 73 14.73 -30.46 -22.78
N VAL B 74 15.48 -29.42 -22.43
CA VAL B 74 15.80 -29.08 -21.02
C VAL B 74 15.11 -27.75 -20.68
N VAL B 75 14.34 -27.73 -19.59
CA VAL B 75 13.52 -26.52 -19.25
C VAL B 75 13.72 -26.18 -17.77
N TYR B 76 14.18 -24.95 -17.49
CA TYR B 76 14.31 -24.41 -16.12
C TYR B 76 13.17 -23.40 -15.92
N LEU B 77 12.49 -23.46 -14.80
CA LEU B 77 11.56 -22.39 -14.41
C LEU B 77 11.28 -22.50 -12.89
N SER B 78 11.01 -21.37 -12.25
CA SER B 78 10.45 -21.34 -10.89
C SER B 78 9.04 -21.97 -10.89
N SER B 79 8.67 -22.59 -9.79
CA SER B 79 7.32 -23.13 -9.57
C SER B 79 6.29 -21.99 -9.63
N GLU B 80 6.69 -20.76 -9.34
CA GLU B 80 5.80 -19.56 -9.42
C GLU B 80 5.48 -19.26 -10.90
N LYS B 81 6.43 -19.46 -11.80
CA LYS B 81 6.19 -19.25 -13.26
C LYS B 81 5.30 -20.37 -13.79
N PHE B 82 5.61 -21.62 -13.45
CA PHE B 82 4.76 -22.82 -13.68
C PHE B 82 3.32 -22.54 -13.23
N THR B 83 3.11 -22.01 -12.02
CA THR B 83 1.74 -21.62 -11.57
C THR B 83 1.13 -20.57 -12.51
N ASN B 84 1.83 -19.46 -12.77
CA ASN B 84 1.28 -18.32 -13.55
C ASN B 84 0.92 -18.82 -14.94
N GLU B 85 1.87 -19.47 -15.63
CA GLU B 85 1.62 -19.99 -16.99
C GLU B 85 0.43 -20.97 -16.95
N PHE B 86 0.32 -21.80 -15.91
CA PHE B 86 -0.79 -22.75 -15.81
C PHE B 86 -2.12 -22.00 -15.64
N ILE B 87 -2.25 -21.15 -14.63
CA ILE B 87 -3.51 -20.36 -14.41
C ILE B 87 -3.89 -19.63 -15.71
N ASN B 88 -2.91 -19.03 -16.41
CA ASN B 88 -3.12 -18.32 -17.70
C ASN B 88 -3.74 -19.25 -18.71
N SER B 89 -3.13 -20.42 -18.90
CA SER B 89 -3.54 -21.44 -19.90
C SER B 89 -5.01 -21.83 -19.68
N ILE B 90 -5.50 -21.82 -18.44
CA ILE B 90 -6.91 -22.17 -18.15
C ILE B 90 -7.78 -20.99 -18.56
N ARG B 91 -7.42 -19.77 -18.15
CA ARG B 91 -8.20 -18.54 -18.47
C ARG B 91 -8.34 -18.44 -20.00
N ASP B 92 -7.23 -18.44 -20.74
CA ASP B 92 -7.19 -18.25 -22.22
C ASP B 92 -7.44 -19.60 -22.92
N ASN B 93 -7.91 -20.59 -22.15
CA ASN B 93 -8.47 -21.85 -22.70
C ASN B 93 -7.45 -22.47 -23.67
N LYS B 94 -6.16 -22.53 -23.31
CA LYS B 94 -5.03 -23.12 -24.12
C LYS B 94 -4.27 -24.18 -23.29
N ALA B 95 -4.92 -24.72 -22.26
CA ALA B 95 -4.36 -25.76 -21.38
C ALA B 95 -3.58 -26.82 -22.18
N VAL B 96 -4.01 -27.16 -23.39
CA VAL B 96 -3.37 -28.26 -24.18
C VAL B 96 -1.94 -27.83 -24.53
N ASP B 97 -1.70 -26.54 -24.74
CA ASP B 97 -0.35 -26.04 -25.16
C ASP B 97 0.61 -26.07 -23.98
N PHE B 98 0.14 -25.66 -22.79
CA PHE B 98 0.89 -25.77 -21.51
C PHE B 98 1.34 -27.21 -21.30
N ARG B 99 0.41 -28.15 -21.51
CA ARG B 99 0.71 -29.58 -21.23
C ARG B 99 1.63 -30.18 -22.29
N ASN B 100 1.52 -29.73 -23.54
CA ASN B 100 2.37 -30.26 -24.62
C ASN B 100 3.82 -29.96 -24.29
N ARG B 101 4.06 -28.76 -23.76
CA ARG B 101 5.42 -28.35 -23.41
C ARG B 101 5.94 -29.09 -22.18
N TYR B 102 5.27 -28.93 -21.04
CA TYR B 102 5.84 -29.46 -19.78
C TYR B 102 5.73 -30.98 -19.64
N ARG B 103 4.89 -31.63 -20.43
CA ARG B 103 4.73 -33.10 -20.25
C ARG B 103 5.58 -33.83 -21.29
N ASN B 104 6.31 -33.09 -22.14
CA ASN B 104 7.10 -33.72 -23.22
C ASN B 104 8.56 -33.24 -23.20
N VAL B 105 9.08 -32.85 -22.03
CA VAL B 105 10.48 -32.39 -21.87
C VAL B 105 11.29 -33.61 -21.47
N ASP B 106 12.61 -33.57 -21.63
CA ASP B 106 13.50 -34.73 -21.34
C ASP B 106 14.08 -34.51 -19.94
N VAL B 107 14.33 -33.25 -19.60
CA VAL B 107 14.72 -32.84 -18.21
C VAL B 107 13.84 -31.66 -17.83
N LEU B 108 13.15 -31.79 -16.70
CA LEU B 108 12.50 -30.62 -16.07
C LEU B 108 13.29 -30.19 -14.83
N LEU B 109 13.76 -28.94 -14.82
CA LEU B 109 14.40 -28.27 -13.65
C LEU B 109 13.44 -27.26 -13.06
N ILE B 110 12.72 -27.64 -11.99
CA ILE B 110 11.63 -26.80 -11.41
C ILE B 110 12.09 -26.33 -10.02
N ASP B 111 12.25 -25.00 -9.84
CA ASP B 111 12.95 -24.34 -8.72
C ASP B 111 11.93 -23.87 -7.68
N ASP B 112 12.26 -23.94 -6.39
CA ASP B 112 11.47 -23.35 -5.29
C ASP B 112 10.03 -23.88 -5.32
N ILE B 113 9.90 -25.20 -5.18
CA ILE B 113 8.61 -25.95 -5.22
C ILE B 113 7.65 -25.54 -4.09
N GLN B 114 8.16 -25.00 -2.99
CA GLN B 114 7.34 -24.48 -1.87
C GLN B 114 6.36 -23.38 -2.33
N PHE B 115 6.56 -22.64 -3.43
CA PHE B 115 5.58 -21.62 -3.91
C PHE B 115 4.32 -22.30 -4.47
N LEU B 116 4.25 -23.64 -4.48
CA LEU B 116 2.99 -24.38 -4.77
C LEU B 116 2.21 -24.57 -3.47
N ALA B 117 2.73 -24.07 -2.34
CA ALA B 117 2.00 -24.07 -1.05
C ALA B 117 0.64 -23.39 -1.26
N GLY B 118 -0.44 -24.13 -1.02
CA GLY B 118 -1.81 -23.59 -1.04
C GLY B 118 -2.21 -23.16 -2.43
N LYS B 119 -1.85 -23.97 -3.43
CA LYS B 119 -2.24 -23.78 -4.85
C LYS B 119 -2.73 -25.14 -5.32
N GLU B 120 -3.93 -25.49 -4.86
CA GLU B 120 -4.56 -26.83 -4.96
C GLU B 120 -4.58 -27.23 -6.45
N GLN B 121 -5.14 -26.38 -7.32
CA GLN B 121 -5.24 -26.67 -8.78
C GLN B 121 -3.85 -26.95 -9.40
N THR B 122 -2.88 -26.08 -9.13
CA THR B 122 -1.51 -26.17 -9.69
C THR B 122 -0.79 -27.40 -9.12
N GLN B 123 -0.96 -27.67 -7.82
CA GLN B 123 -0.41 -28.88 -7.19
C GLN B 123 -0.95 -30.10 -7.94
N GLU B 124 -2.24 -30.12 -8.25
CA GLU B 124 -2.80 -31.25 -9.03
C GLU B 124 -2.19 -31.26 -10.44
N GLU B 125 -2.08 -30.11 -11.10
CA GLU B 125 -1.51 -30.08 -12.47
C GLU B 125 -0.06 -30.58 -12.42
N PHE B 126 0.67 -30.23 -11.37
CA PHE B 126 2.10 -30.64 -11.23
C PHE B 126 2.16 -32.14 -10.94
N PHE B 127 1.27 -32.65 -10.08
CA PHE B 127 1.11 -34.12 -9.87
C PHE B 127 1.05 -34.83 -11.25
N HIS B 128 0.10 -34.50 -12.14
CA HIS B 128 -0.04 -35.24 -13.42
C HIS B 128 1.19 -35.01 -14.29
N THR B 129 1.76 -33.80 -14.29
CA THR B 129 2.98 -33.45 -15.08
C THR B 129 4.13 -34.38 -14.63
N PHE B 130 4.30 -34.51 -13.32
CA PHE B 130 5.32 -35.36 -12.67
C PHE B 130 5.12 -36.81 -13.13
N ASN B 131 3.90 -37.33 -12.97
CA ASN B 131 3.59 -38.75 -13.28
C ASN B 131 3.88 -38.97 -14.76
N THR B 132 3.43 -38.10 -15.66
CA THR B 132 3.69 -38.29 -17.10
C THR B 132 5.20 -38.41 -17.29
N LEU B 133 5.98 -37.48 -16.75
CA LEU B 133 7.44 -37.42 -17.02
C LEU B 133 8.14 -38.63 -16.40
N HIS B 134 7.82 -39.03 -15.16
CA HIS B 134 8.50 -40.14 -14.42
C HIS B 134 8.16 -41.51 -15.03
N GLU B 135 6.91 -41.75 -15.40
CA GLU B 135 6.46 -43.00 -16.07
C GLU B 135 6.81 -42.94 -17.57
N GLU B 136 7.58 -41.96 -18.03
CA GLU B 136 8.13 -41.94 -19.42
C GLU B 136 9.64 -41.73 -19.39
N SER B 137 10.31 -42.10 -18.27
CA SER B 137 11.76 -41.94 -18.00
C SER B 137 12.27 -40.57 -18.51
N LYS B 138 11.74 -39.47 -17.94
CA LYS B 138 12.27 -38.09 -18.10
C LYS B 138 12.85 -37.63 -16.76
N GLN B 139 13.85 -36.76 -16.79
CA GLN B 139 14.51 -36.36 -15.51
C GLN B 139 13.68 -35.21 -14.91
N ILE B 140 13.33 -35.38 -13.64
CA ILE B 140 12.77 -34.30 -12.81
C ILE B 140 13.83 -33.92 -11.79
N VAL B 141 14.23 -32.65 -11.80
CA VAL B 141 14.94 -32.03 -10.65
C VAL B 141 14.04 -30.93 -10.06
N ILE B 142 13.95 -30.95 -8.73
CA ILE B 142 13.06 -30.08 -7.91
C ILE B 142 13.95 -29.51 -6.84
N SER B 143 13.89 -28.20 -6.62
CA SER B 143 14.60 -27.59 -5.46
C SER B 143 13.54 -27.02 -4.53
N SER B 144 13.88 -26.88 -3.24
CA SER B 144 13.01 -26.31 -2.18
C SER B 144 13.86 -25.57 -1.13
N ASP B 145 13.27 -24.74 -0.27
CA ASP B 145 14.01 -24.18 0.91
C ASP B 145 13.93 -25.14 2.11
N ARG B 146 13.37 -26.32 1.93
CA ARG B 146 13.07 -27.23 3.07
C ARG B 146 12.68 -28.61 2.53
N PRO B 147 12.78 -29.66 3.37
CA PRO B 147 12.50 -31.03 2.93
C PRO B 147 11.00 -31.22 2.73
N PRO B 148 10.57 -32.21 1.92
CA PRO B 148 9.16 -32.32 1.55
C PRO B 148 8.19 -32.44 2.76
N LYS B 149 8.60 -33.14 3.83
CA LYS B 149 7.78 -33.30 5.06
C LYS B 149 7.46 -31.93 5.70
N GLU B 150 8.09 -30.85 5.25
CA GLU B 150 7.91 -29.54 5.93
C GLU B 150 7.30 -28.47 5.00
N ILE B 151 6.73 -28.89 3.88
CA ILE B 151 6.05 -27.91 2.97
C ILE B 151 4.56 -27.87 3.30
N PRO B 152 4.03 -26.69 3.68
CA PRO B 152 2.62 -26.57 4.04
C PRO B 152 1.68 -26.77 2.85
N THR B 153 0.45 -27.23 3.12
CA THR B 153 -0.58 -27.46 2.06
C THR B 153 -0.14 -28.60 1.13
N LEU B 154 1.17 -28.79 0.98
CA LEU B 154 1.66 -29.85 0.06
C LEU B 154 0.84 -31.10 0.31
N GLU B 155 0.17 -31.59 -0.72
CA GLU B 155 -0.57 -32.86 -0.59
C GLU B 155 0.45 -33.96 -0.28
N ASP B 156 0.00 -35.00 0.41
CA ASP B 156 0.89 -36.13 0.73
C ASP B 156 1.11 -36.93 -0.54
N ARG B 157 0.28 -36.71 -1.55
CA ARG B 157 0.40 -37.45 -2.83
C ARG B 157 1.68 -37.00 -3.52
N LEU B 158 2.08 -35.75 -3.29
CA LEU B 158 3.27 -35.20 -3.98
C LEU B 158 4.48 -35.36 -3.06
N ARG B 159 4.33 -34.97 -1.80
CA ARG B 159 5.44 -35.18 -0.82
C ARG B 159 6.07 -36.54 -1.05
N SER B 160 5.25 -37.55 -1.33
CA SER B 160 5.78 -38.92 -1.49
C SER B 160 6.61 -39.01 -2.77
N ARG B 161 6.14 -38.37 -3.83
CA ARG B 161 6.85 -38.44 -5.13
C ARG B 161 8.17 -37.69 -5.00
N PHE B 162 8.26 -36.78 -4.03
CA PHE B 162 9.46 -35.94 -3.80
C PHE B 162 10.48 -36.74 -2.97
N GLU B 163 10.02 -37.79 -2.28
CA GLU B 163 10.80 -38.62 -1.32
C GLU B 163 11.13 -39.96 -1.97
N TRP B 164 10.84 -40.11 -3.27
CA TRP B 164 10.86 -41.36 -4.05
C TRP B 164 12.22 -41.55 -4.75
N GLY B 165 12.92 -40.45 -5.05
CA GLY B 165 14.27 -40.48 -5.63
C GLY B 165 15.31 -40.16 -4.57
N LEU B 166 16.35 -39.42 -4.92
CA LEU B 166 17.33 -38.89 -3.93
C LEU B 166 16.88 -37.53 -3.38
N ILE B 167 16.97 -37.38 -2.08
CA ILE B 167 16.89 -36.09 -1.37
C ILE B 167 18.31 -35.77 -0.91
N THR B 168 18.87 -34.63 -1.35
CA THR B 168 20.08 -33.96 -0.77
C THR B 168 19.73 -32.59 -0.21
N ASP B 169 20.39 -32.20 0.88
CA ASP B 169 20.39 -30.80 1.35
C ASP B 169 21.76 -30.18 1.11
N ILE B 170 21.85 -28.85 1.13
CA ILE B 170 23.10 -28.04 1.15
C ILE B 170 23.05 -27.28 2.44
N THR B 171 24.18 -27.17 3.12
CA THR B 171 24.31 -26.34 4.34
C THR B 171 25.32 -25.24 4.04
N PRO B 172 25.43 -24.23 4.92
CA PRO B 172 26.25 -23.07 4.63
C PRO B 172 27.73 -23.40 4.66
N PRO B 173 28.52 -22.93 3.67
CA PRO B 173 29.93 -23.30 3.57
C PRO B 173 30.78 -22.78 4.73
N ASP B 174 31.83 -23.49 5.11
CA ASP B 174 32.75 -23.03 6.19
C ASP B 174 33.69 -21.90 5.68
N LEU B 175 34.58 -21.41 6.55
CA LEU B 175 35.51 -20.29 6.24
C LEU B 175 36.38 -20.64 5.04
N GLU B 176 36.92 -21.84 5.02
CA GLU B 176 37.80 -22.36 3.94
C GLU B 176 37.06 -22.40 2.61
N THR B 177 35.80 -22.83 2.57
CA THR B 177 35.03 -22.91 1.30
C THR B 177 34.62 -21.51 0.81
N ARG B 178 34.22 -20.63 1.72
CA ARG B 178 33.94 -19.19 1.44
C ARG B 178 35.18 -18.51 0.79
N ILE B 179 36.35 -18.72 1.36
CA ILE B 179 37.62 -18.18 0.78
C ILE B 179 37.72 -18.72 -0.65
N ALA B 180 37.49 -20.01 -0.86
CA ALA B 180 37.65 -20.65 -2.18
C ALA B 180 36.60 -20.14 -3.17
N ILE B 181 35.39 -19.81 -2.69
CA ILE B 181 34.34 -19.21 -3.57
C ILE B 181 34.83 -17.82 -4.03
N LEU B 182 35.31 -16.99 -3.10
CA LEU B 182 35.91 -15.68 -3.41
C LEU B 182 37.02 -15.82 -4.46
N ARG B 183 38.02 -16.66 -4.20
CA ARG B 183 39.18 -16.83 -5.11
C ARG B 183 38.66 -17.15 -6.52
N LYS B 184 37.70 -18.07 -6.62
CA LYS B 184 37.10 -18.51 -7.90
C LYS B 184 36.43 -17.33 -8.62
N LYS B 185 35.64 -16.53 -7.92
CA LYS B 185 35.01 -15.32 -8.53
C LYS B 185 36.10 -14.34 -9.01
N ALA B 186 37.10 -14.05 -8.18
CA ALA B 186 38.25 -13.19 -8.55
C ALA B 186 38.95 -13.71 -9.83
N LYS B 187 39.37 -14.97 -9.87
CA LYS B 187 40.06 -15.48 -11.07
C LYS B 187 39.19 -15.25 -12.32
N ALA B 188 37.88 -15.33 -12.17
CA ALA B 188 36.98 -15.22 -13.34
C ALA B 188 36.91 -13.78 -13.86
N GLU B 189 37.08 -12.79 -12.99
CA GLU B 189 37.11 -11.38 -13.44
C GLU B 189 38.57 -10.97 -13.69
N GLY B 190 39.48 -11.94 -13.67
CA GLY B 190 40.91 -11.64 -13.90
C GLY B 190 41.48 -10.73 -12.84
N LEU B 191 41.02 -10.87 -11.59
CA LEU B 191 41.47 -9.98 -10.50
C LEU B 191 42.62 -10.61 -9.70
N ASP B 192 43.68 -9.84 -9.44
CA ASP B 192 44.79 -10.33 -8.57
C ASP B 192 44.57 -9.73 -7.19
N ILE B 193 44.05 -10.50 -6.27
CA ILE B 193 43.67 -9.99 -4.91
C ILE B 193 44.41 -10.78 -3.83
N PRO B 194 45.03 -10.11 -2.84
CA PRO B 194 45.72 -10.83 -1.76
C PRO B 194 44.80 -11.75 -0.94
N ASN B 195 45.36 -12.89 -0.54
CA ASN B 195 44.69 -13.90 0.31
C ASN B 195 44.21 -13.28 1.61
N GLU B 196 44.90 -12.28 2.15
CA GLU B 196 44.50 -11.67 3.44
C GLU B 196 43.14 -10.96 3.30
N VAL B 197 42.85 -10.45 2.10
CA VAL B 197 41.57 -9.72 1.80
C VAL B 197 40.42 -10.74 1.71
N MET B 198 40.60 -11.79 0.92
CA MET B 198 39.64 -12.91 0.82
C MET B 198 39.37 -13.44 2.23
N LEU B 199 40.40 -13.53 3.06
CA LEU B 199 40.23 -13.96 4.46
C LEU B 199 39.40 -12.91 5.19
N TYR B 200 39.69 -11.63 4.97
CA TYR B 200 38.99 -10.54 5.68
C TYR B 200 37.48 -10.63 5.40
N ILE B 201 37.14 -10.76 4.12
CA ILE B 201 35.75 -10.79 3.59
C ILE B 201 35.05 -12.05 4.05
N ALA B 202 35.64 -13.22 3.77
CA ALA B 202 35.09 -14.54 4.15
C ALA B 202 34.86 -14.57 5.66
N ASN B 203 35.71 -13.91 6.44
CA ASN B 203 35.57 -13.89 7.91
C ASN B 203 34.41 -13.01 8.37
N GLN B 204 34.14 -11.89 7.71
CA GLN B 204 33.02 -10.99 8.09
C GLN B 204 31.68 -11.54 7.58
N ILE B 205 31.66 -12.17 6.41
CA ILE B 205 30.37 -12.62 5.81
C ILE B 205 30.17 -14.14 5.97
N ASP B 206 29.37 -14.54 6.94
CA ASP B 206 29.02 -15.96 7.17
C ASP B 206 27.51 -16.05 7.10
N SER B 207 26.94 -15.83 5.93
CA SER B 207 25.47 -15.78 5.76
C SER B 207 25.07 -16.59 4.55
N ASN B 208 25.16 -15.98 3.38
CA ASN B 208 24.78 -16.62 2.12
C ASN B 208 25.85 -16.23 1.09
N ILE B 209 25.87 -16.90 -0.05
CA ILE B 209 26.96 -16.61 -1.02
C ILE B 209 26.62 -15.31 -1.73
N ARG B 210 25.36 -14.86 -1.71
CA ARG B 210 24.98 -13.58 -2.38
C ARG B 210 25.63 -12.40 -1.67
N GLU B 211 25.52 -12.37 -0.34
CA GLU B 211 26.23 -11.35 0.49
C GLU B 211 27.76 -11.47 0.32
N LEU B 212 28.27 -12.68 0.13
CA LEU B 212 29.71 -12.88 -0.04
C LEU B 212 30.15 -12.26 -1.36
N GLU B 213 29.43 -12.52 -2.46
CA GLU B 213 29.76 -11.90 -3.78
C GLU B 213 29.63 -10.38 -3.69
N GLY B 214 28.66 -9.89 -2.92
CA GLY B 214 28.38 -8.44 -2.84
C GLY B 214 29.52 -7.73 -2.17
N ALA B 215 30.04 -8.29 -1.07
CA ALA B 215 31.22 -7.75 -0.36
C ALA B 215 32.40 -7.64 -1.32
N LEU B 216 32.64 -8.66 -2.14
CA LEU B 216 33.82 -8.62 -3.03
C LEU B 216 33.60 -7.51 -4.05
N ILE B 217 32.38 -7.37 -4.54
CA ILE B 217 32.08 -6.37 -5.60
C ILE B 217 32.30 -5.00 -4.99
N ARG B 218 31.78 -4.80 -3.78
CA ARG B 218 31.99 -3.50 -3.10
C ARG B 218 33.51 -3.19 -3.03
N VAL B 219 34.33 -4.12 -2.56
CA VAL B 219 35.76 -3.89 -2.24
C VAL B 219 36.46 -3.51 -3.54
N VAL B 220 36.10 -4.17 -4.64
CA VAL B 220 36.76 -3.97 -5.95
C VAL B 220 36.39 -2.58 -6.50
N ALA B 221 35.13 -2.22 -6.35
CA ALA B 221 34.56 -0.96 -6.87
C ALA B 221 35.14 0.20 -6.06
N TYR B 222 35.26 0.06 -4.74
CA TYR B 222 35.83 1.11 -3.86
C TYR B 222 37.33 1.27 -4.13
N SER B 223 38.00 0.18 -4.51
CA SER B 223 39.43 0.19 -4.93
C SER B 223 39.54 1.01 -6.20
N SER B 224 38.83 0.58 -7.24
CA SER B 224 38.74 1.26 -8.55
C SER B 224 38.41 2.77 -8.37
N LEU B 225 37.51 3.15 -7.46
CA LEU B 225 37.11 4.57 -7.30
C LEU B 225 38.24 5.42 -6.73
N ILE B 226 38.93 4.94 -5.70
CA ILE B 226 39.99 5.74 -5.01
C ILE B 226 41.35 5.38 -5.61
N ASN B 227 41.36 4.72 -6.76
CA ASN B 227 42.62 4.29 -7.41
C ASN B 227 43.67 3.90 -6.37
N LYS B 228 43.37 2.87 -5.58
CA LYS B 228 44.38 2.35 -4.64
C LYS B 228 44.36 0.83 -4.78
N ASP B 229 45.51 0.17 -4.61
CA ASP B 229 45.58 -1.31 -4.77
C ASP B 229 44.78 -1.99 -3.67
N ILE B 230 44.18 -3.14 -3.97
CA ILE B 230 43.31 -3.83 -2.98
C ILE B 230 44.15 -4.44 -1.86
N ASN B 231 43.94 -4.00 -0.63
CA ASN B 231 44.59 -4.60 0.56
C ASN B 231 43.51 -4.68 1.65
N ALA B 232 43.86 -5.13 2.84
CA ALA B 232 42.90 -5.44 3.94
C ALA B 232 42.43 -4.17 4.64
N ASP B 233 43.21 -3.07 4.56
CA ASP B 233 42.84 -1.75 5.16
C ASP B 233 41.71 -1.15 4.30
N LEU B 234 41.90 -1.15 2.98
CA LEU B 234 40.90 -0.73 1.97
C LEU B 234 39.61 -1.55 2.17
N ALA B 235 39.73 -2.88 2.20
CA ALA B 235 38.59 -3.82 2.35
C ALA B 235 37.78 -3.47 3.60
N ALA B 236 38.43 -3.24 4.72
CA ALA B 236 37.73 -2.91 5.98
C ALA B 236 37.10 -1.52 5.83
N GLU B 237 37.74 -0.61 5.08
CA GLU B 237 37.20 0.74 4.78
C GLU B 237 35.93 0.58 3.92
N ALA B 238 35.99 -0.24 2.88
CA ALA B 238 34.86 -0.38 1.93
C ALA B 238 33.66 -1.10 2.53
N LEU B 239 33.83 -1.85 3.60
CA LEU B 239 32.68 -2.66 4.10
C LEU B 239 32.15 -2.13 5.43
N LYS B 240 32.71 -1.03 5.92
CA LYS B 240 32.31 -0.50 7.25
C LYS B 240 30.79 -0.50 7.40
N ASP B 241 30.05 -0.19 6.33
CA ASP B 241 28.58 -0.07 6.45
C ASP B 241 27.88 -1.11 5.55
N MET C 7 7.70 10.65 -17.93
CA MET C 7 8.07 9.64 -16.89
C MET C 7 9.35 10.08 -16.16
N LEU C 8 10.33 10.61 -16.90
CA LEU C 8 11.66 11.03 -16.38
C LEU C 8 11.82 12.55 -16.37
N ASN C 9 12.36 13.04 -15.26
CA ASN C 9 12.65 14.48 -15.09
C ASN C 9 13.80 14.85 -16.03
N PRO C 10 13.57 15.79 -16.98
CA PRO C 10 14.62 16.18 -17.94
C PRO C 10 15.71 17.07 -17.31
N LYS C 11 15.47 17.59 -16.10
CA LYS C 11 16.46 18.35 -15.26
C LYS C 11 17.34 17.39 -14.44
N TYR C 12 16.99 16.10 -14.40
CA TYR C 12 17.71 15.05 -13.60
C TYR C 12 18.56 14.16 -14.50
N THR C 13 19.77 14.57 -14.83
CA THR C 13 20.73 13.87 -15.73
C THR C 13 22.12 13.88 -15.10
N PHE C 14 23.05 13.14 -15.69
CA PHE C 14 24.50 13.16 -15.32
C PHE C 14 25.05 14.58 -15.50
N ASP C 15 24.61 15.28 -16.57
CA ASP C 15 24.99 16.67 -16.93
C ASP C 15 24.71 17.65 -15.76
N THR C 16 23.65 17.48 -14.98
CA THR C 16 23.26 18.44 -13.90
C THR C 16 23.62 17.91 -12.51
N PHE C 17 24.17 16.71 -12.41
CA PHE C 17 24.52 16.10 -11.10
C PHE C 17 25.93 16.56 -10.69
N VAL C 18 26.07 17.20 -9.54
CA VAL C 18 27.40 17.69 -9.08
C VAL C 18 28.04 16.58 -8.25
N ILE C 19 29.24 16.14 -8.67
CA ILE C 19 30.09 15.10 -8.00
C ILE C 19 30.91 15.75 -6.89
N GLY C 20 30.72 15.35 -5.64
CA GLY C 20 31.58 15.63 -4.47
C GLY C 20 32.01 14.34 -3.78
N SER C 21 32.73 14.39 -2.66
CA SER C 21 33.26 13.16 -1.99
C SER C 21 32.10 12.33 -1.41
N GLY C 22 30.96 12.99 -1.16
CA GLY C 22 29.77 12.41 -0.51
C GLY C 22 28.97 11.55 -1.47
N ASN C 23 29.18 11.65 -2.79
CA ASN C 23 28.37 10.94 -3.82
C ASN C 23 29.23 10.42 -4.99
N ARG C 24 30.55 10.51 -4.90
CA ARG C 24 31.51 10.03 -5.94
C ARG C 24 31.20 8.56 -6.26
N PHE C 25 30.95 7.76 -5.21
CA PHE C 25 30.81 6.30 -5.30
C PHE C 25 29.46 5.98 -5.96
N ALA C 26 28.38 6.54 -5.43
CA ALA C 26 27.03 6.34 -6.03
C ALA C 26 27.02 6.79 -7.49
N HIS C 27 27.65 7.93 -7.80
CA HIS C 27 27.65 8.51 -9.17
C HIS C 27 28.44 7.58 -10.10
N ALA C 28 29.66 7.18 -9.69
CA ALA C 28 30.52 6.26 -10.46
C ALA C 28 29.77 4.95 -10.80
N ALA C 29 29.07 4.38 -9.81
CA ALA C 29 28.28 3.13 -9.94
C ALA C 29 27.14 3.38 -10.93
N SER C 30 26.42 4.47 -10.75
CA SER C 30 25.23 4.80 -11.56
C SER C 30 25.67 4.90 -13.03
N LEU C 31 26.83 5.50 -13.31
CA LEU C 31 27.28 5.70 -14.72
C LEU C 31 27.76 4.39 -15.34
N ALA C 32 28.50 3.58 -14.58
CA ALA C 32 28.94 2.23 -15.01
C ALA C 32 27.71 1.40 -15.41
N VAL C 33 26.67 1.44 -14.60
CA VAL C 33 25.41 0.71 -14.88
C VAL C 33 24.81 1.25 -16.18
N ALA C 34 24.81 2.58 -16.31
CA ALA C 34 24.18 3.30 -17.45
C ALA C 34 24.88 2.95 -18.76
N GLU C 35 26.22 2.88 -18.76
CA GLU C 35 27.05 2.56 -19.94
C GLU C 35 27.06 1.06 -20.24
N ALA C 36 26.90 0.20 -19.23
CA ALA C 36 26.91 -1.29 -19.40
C ALA C 36 25.76 -1.90 -18.62
N PRO C 37 24.51 -1.74 -19.10
CA PRO C 37 23.35 -2.23 -18.36
C PRO C 37 23.36 -3.76 -18.22
N ALA C 38 23.16 -4.25 -17.01
CA ALA C 38 23.08 -5.70 -16.72
C ALA C 38 24.47 -6.36 -16.72
N LYS C 39 25.53 -5.64 -17.10
CA LYS C 39 26.87 -6.21 -17.37
C LYS C 39 27.96 -5.57 -16.49
N ALA C 40 27.67 -4.61 -15.60
CA ALA C 40 28.69 -3.99 -14.69
C ALA C 40 28.40 -4.32 -13.21
N TYR C 41 27.25 -3.90 -12.68
CA TYR C 41 26.76 -4.16 -11.31
C TYR C 41 25.25 -4.36 -11.44
N ASN C 42 24.74 -5.46 -10.89
CA ASN C 42 23.33 -5.87 -11.06
C ASN C 42 22.99 -6.86 -9.95
N PRO C 43 22.20 -6.45 -8.93
CA PRO C 43 21.59 -5.14 -8.90
C PRO C 43 22.59 -4.06 -8.47
N LEU C 44 22.11 -2.81 -8.54
CA LEU C 44 22.73 -1.61 -7.92
C LEU C 44 21.75 -1.16 -6.84
N PHE C 45 22.24 -0.98 -5.63
CA PHE C 45 21.42 -0.54 -4.47
C PHE C 45 21.99 0.77 -3.95
N ILE C 46 21.23 1.87 -4.00
CA ILE C 46 21.70 3.22 -3.59
C ILE C 46 20.92 3.63 -2.36
N TYR C 47 21.57 3.98 -1.26
CA TYR C 47 20.90 4.44 -0.03
C TYR C 47 21.54 5.72 0.50
N GLY C 48 20.81 6.41 1.36
CA GLY C 48 21.22 7.75 1.80
C GLY C 48 20.05 8.49 2.38
N GLY C 49 20.37 9.46 3.24
CA GLY C 49 19.36 10.34 3.87
C GLY C 49 18.70 11.26 2.85
N VAL C 50 17.82 12.09 3.39
CA VAL C 50 16.90 13.02 2.69
C VAL C 50 17.68 13.97 1.77
N GLY C 51 17.31 14.02 0.49
CA GLY C 51 17.62 15.12 -0.43
C GLY C 51 19.05 15.10 -0.92
N LEU C 52 19.60 13.91 -1.19
CA LEU C 52 21.04 13.74 -1.53
C LEU C 52 21.22 13.24 -2.97
N GLY C 53 20.13 13.15 -3.76
CA GLY C 53 20.24 12.89 -5.20
C GLY C 53 20.08 11.43 -5.59
N LYS C 54 19.58 10.59 -4.68
CA LYS C 54 19.16 9.20 -5.02
C LYS C 54 18.26 9.24 -6.27
N THR C 55 17.11 9.91 -6.21
CA THR C 55 16.13 9.91 -7.33
C THR C 55 16.76 10.55 -8.55
N HIS C 56 17.53 11.60 -8.36
CA HIS C 56 18.22 12.32 -9.46
C HIS C 56 19.09 11.29 -10.20
N LEU C 57 19.88 10.50 -9.47
CA LEU C 57 20.80 9.50 -10.08
C LEU C 57 19.99 8.44 -10.83
N MET C 58 18.82 8.09 -10.32
CA MET C 58 18.04 7.01 -10.96
C MET C 58 17.45 7.51 -12.27
N HIS C 59 17.01 8.75 -12.31
CA HIS C 59 16.56 9.38 -13.58
C HIS C 59 17.76 9.47 -14.53
N ALA C 60 18.95 9.77 -14.04
CA ALA C 60 20.14 9.99 -14.89
C ALA C 60 20.50 8.68 -15.60
N ILE C 61 20.36 7.57 -14.89
CA ILE C 61 20.56 6.23 -15.50
C ILE C 61 19.47 6.01 -16.58
N GLY C 62 18.20 6.32 -16.28
CA GLY C 62 17.10 6.25 -17.26
C GLY C 62 17.44 6.98 -18.56
N HIS C 63 17.67 8.29 -18.44
CA HIS C 63 18.07 9.16 -19.59
C HIS C 63 19.24 8.52 -20.35
N TYR C 64 20.35 8.23 -19.66
CA TYR C 64 21.59 7.72 -20.32
C TYR C 64 21.25 6.48 -21.17
N VAL C 65 20.48 5.54 -20.63
CA VAL C 65 20.22 4.23 -21.29
C VAL C 65 19.30 4.46 -22.49
N ILE C 66 18.20 5.20 -22.29
CA ILE C 66 17.23 5.56 -23.36
C ILE C 66 17.97 6.28 -24.50
N ASP C 67 18.78 7.30 -24.16
CA ASP C 67 19.42 8.19 -25.15
C ASP C 67 20.38 7.33 -25.96
N HIS C 68 21.00 6.29 -25.37
CA HIS C 68 22.08 5.48 -25.99
C HIS C 68 21.53 4.21 -26.62
N ASN C 69 20.27 3.89 -26.40
CA ASN C 69 19.60 2.69 -26.96
C ASN C 69 18.11 2.92 -26.98
N PRO C 70 17.58 3.53 -28.05
CA PRO C 70 16.17 3.91 -28.09
C PRO C 70 15.25 2.70 -27.99
N SER C 71 15.76 1.48 -28.23
CA SER C 71 14.92 0.24 -28.25
C SER C 71 14.73 -0.37 -26.84
N ALA C 72 15.52 0.05 -25.85
CA ALA C 72 15.47 -0.38 -24.43
C ALA C 72 14.16 0.01 -23.74
N LYS C 73 13.53 -0.94 -23.04
CA LYS C 73 12.34 -0.67 -22.21
C LYS C 73 12.86 -0.31 -20.81
N VAL C 74 12.75 0.98 -20.47
CA VAL C 74 13.25 1.56 -19.20
C VAL C 74 12.02 2.09 -18.46
N VAL C 75 11.78 1.58 -17.27
CA VAL C 75 10.67 2.05 -16.40
C VAL C 75 11.28 2.52 -15.08
N TYR C 76 10.93 3.73 -14.70
CA TYR C 76 11.17 4.30 -13.36
C TYR C 76 9.79 4.29 -12.65
N LEU C 77 9.76 3.92 -11.37
CA LEU C 77 8.60 4.16 -10.48
C LEU C 77 9.04 3.99 -9.01
N SER C 78 8.28 4.57 -8.09
CA SER C 78 8.47 4.33 -6.63
C SER C 78 7.87 2.95 -6.30
N SER C 79 8.37 2.30 -5.25
CA SER C 79 7.77 1.07 -4.71
C SER C 79 6.29 1.33 -4.34
N GLU C 80 5.95 2.57 -3.97
CA GLU C 80 4.56 2.92 -3.57
C GLU C 80 3.63 2.77 -4.81
N LYS C 81 4.10 3.19 -5.98
CA LYS C 81 3.27 3.11 -7.20
C LYS C 81 3.20 1.64 -7.63
N PHE C 82 4.31 0.89 -7.49
CA PHE C 82 4.40 -0.58 -7.75
C PHE C 82 3.40 -1.33 -6.88
N THR C 83 3.34 -0.98 -5.59
CA THR C 83 2.37 -1.55 -4.63
C THR C 83 0.93 -1.29 -5.12
N ASN C 84 0.59 -0.07 -5.54
CA ASN C 84 -0.83 0.30 -5.85
C ASN C 84 -1.22 -0.37 -7.18
N GLU C 85 -0.33 -0.32 -8.18
CA GLU C 85 -0.54 -0.94 -9.52
C GLU C 85 -0.71 -2.46 -9.36
N PHE C 86 0.00 -3.06 -8.41
CA PHE C 86 -0.09 -4.53 -8.15
C PHE C 86 -1.42 -4.86 -7.47
N ILE C 87 -1.68 -4.25 -6.31
CA ILE C 87 -2.92 -4.48 -5.51
C ILE C 87 -4.13 -4.30 -6.45
N ASN C 88 -4.05 -3.30 -7.32
CA ASN C 88 -5.13 -2.95 -8.26
C ASN C 88 -5.27 -4.05 -9.30
N SER C 89 -4.16 -4.55 -9.81
CA SER C 89 -4.17 -5.58 -10.88
C SER C 89 -4.84 -6.82 -10.24
N ILE C 90 -4.69 -7.01 -8.93
CA ILE C 90 -5.30 -8.17 -8.25
C ILE C 90 -6.80 -7.96 -8.18
N ARG C 91 -7.27 -6.83 -7.64
CA ARG C 91 -8.72 -6.50 -7.59
C ARG C 91 -9.35 -6.71 -8.97
N ASP C 92 -8.73 -6.20 -10.04
CA ASP C 92 -9.31 -6.12 -11.41
C ASP C 92 -9.07 -7.41 -12.20
N ASN C 93 -8.56 -8.44 -11.53
CA ASN C 93 -8.16 -9.73 -12.13
C ASN C 93 -7.25 -9.50 -13.33
N LYS C 94 -6.21 -8.66 -13.21
CA LYS C 94 -5.35 -8.26 -14.36
C LYS C 94 -3.86 -8.37 -13.97
N ALA C 95 -3.54 -9.23 -13.00
CA ALA C 95 -2.18 -9.51 -12.48
C ALA C 95 -1.24 -9.77 -13.65
N VAL C 96 -1.70 -10.49 -14.65
CA VAL C 96 -0.95 -10.91 -15.87
C VAL C 96 -0.52 -9.67 -16.66
N ASP C 97 -1.28 -8.58 -16.65
CA ASP C 97 -0.92 -7.34 -17.38
C ASP C 97 0.24 -6.64 -16.68
N PHE C 98 0.16 -6.52 -15.35
CA PHE C 98 1.27 -6.13 -14.42
C PHE C 98 2.54 -6.92 -14.72
N ARG C 99 2.45 -8.24 -14.68
CA ARG C 99 3.67 -9.09 -14.78
C ARG C 99 4.31 -8.98 -16.17
N ASN C 100 3.49 -8.78 -17.19
CA ASN C 100 4.02 -8.72 -18.57
C ASN C 100 4.81 -7.42 -18.72
N ARG C 101 4.52 -6.45 -17.87
CA ARG C 101 5.18 -5.14 -17.93
C ARG C 101 6.48 -5.16 -17.12
N TYR C 102 6.38 -5.45 -15.82
CA TYR C 102 7.56 -5.31 -14.94
C TYR C 102 8.58 -6.45 -15.07
N ARG C 103 8.17 -7.59 -15.62
CA ARG C 103 9.09 -8.73 -15.76
C ARG C 103 9.65 -8.77 -17.18
N ASN C 104 9.26 -7.84 -18.05
CA ASN C 104 9.88 -7.85 -19.41
C ASN C 104 10.62 -6.54 -19.72
N VAL C 105 10.78 -5.63 -18.77
CA VAL C 105 11.59 -4.42 -19.03
C VAL C 105 13.06 -4.82 -19.14
N ASP C 106 13.87 -3.93 -19.72
CA ASP C 106 15.36 -4.08 -19.79
C ASP C 106 16.01 -3.38 -18.60
N VAL C 107 15.40 -2.33 -18.04
CA VAL C 107 15.95 -1.59 -16.87
C VAL C 107 14.79 -1.27 -15.94
N LEU C 108 14.86 -1.77 -14.71
CA LEU C 108 13.89 -1.42 -13.65
C LEU C 108 14.59 -0.48 -12.67
N LEU C 109 14.06 0.73 -12.54
CA LEU C 109 14.54 1.78 -11.61
C LEU C 109 13.45 1.92 -10.55
N ILE C 110 13.60 1.30 -9.39
CA ILE C 110 12.49 1.24 -8.41
C ILE C 110 12.92 2.03 -7.18
N ASP C 111 12.29 3.18 -6.92
CA ASP C 111 12.70 4.19 -5.92
C ASP C 111 12.11 3.93 -4.53
N ASP C 112 12.88 4.17 -3.47
CA ASP C 112 12.38 4.15 -2.06
C ASP C 112 11.76 2.79 -1.70
N ILE C 113 12.52 1.69 -1.78
CA ILE C 113 12.06 0.30 -1.51
C ILE C 113 11.65 0.12 -0.04
N GLN C 114 11.93 1.08 0.85
CA GLN C 114 11.51 0.98 2.28
C GLN C 114 10.00 1.05 2.35
N PHE C 115 9.29 1.58 1.35
CA PHE C 115 7.80 1.62 1.41
C PHE C 115 7.20 0.21 1.27
N LEU C 116 8.02 -0.83 1.12
CA LEU C 116 7.52 -2.23 1.09
C LEU C 116 7.56 -2.85 2.48
N ALA C 117 8.23 -2.24 3.45
CA ALA C 117 8.12 -2.67 4.86
C ALA C 117 6.62 -2.88 5.19
N GLY C 118 6.22 -3.97 5.83
CA GLY C 118 4.82 -4.20 6.22
C GLY C 118 3.89 -4.64 5.08
N LYS C 119 4.40 -4.87 3.88
CA LYS C 119 3.59 -5.21 2.68
C LYS C 119 3.99 -6.59 2.14
N GLU C 120 3.59 -7.68 2.81
CA GLU C 120 4.09 -9.08 2.58
C GLU C 120 3.79 -9.51 1.13
N GLN C 121 2.58 -9.28 0.62
CA GLN C 121 2.11 -9.73 -0.72
C GLN C 121 2.97 -9.06 -1.81
N THR C 122 3.24 -7.76 -1.67
CA THR C 122 3.97 -6.95 -2.67
C THR C 122 5.46 -7.34 -2.58
N GLN C 123 5.99 -7.51 -1.39
CA GLN C 123 7.37 -8.06 -1.20
C GLN C 123 7.53 -9.35 -2.00
N GLU C 124 6.61 -10.31 -1.86
CA GLU C 124 6.70 -11.58 -2.63
C GLU C 124 6.66 -11.25 -4.11
N GLU C 125 5.78 -10.34 -4.52
CA GLU C 125 5.63 -9.99 -5.96
C GLU C 125 6.90 -9.31 -6.45
N PHE C 126 7.53 -8.47 -5.62
CA PHE C 126 8.81 -7.82 -6.04
C PHE C 126 9.93 -8.87 -6.11
N PHE C 127 10.01 -9.80 -5.14
CA PHE C 127 10.91 -10.98 -5.17
C PHE C 127 10.83 -11.67 -6.56
N HIS C 128 9.63 -12.06 -6.99
CA HIS C 128 9.42 -12.80 -8.28
C HIS C 128 9.85 -11.93 -9.45
N THR C 129 9.53 -10.64 -9.43
CA THR C 129 9.93 -9.64 -10.45
C THR C 129 11.47 -9.58 -10.50
N PHE C 130 12.10 -9.40 -9.34
CA PHE C 130 13.57 -9.36 -9.21
C PHE C 130 14.17 -10.62 -9.88
N ASN C 131 13.71 -11.80 -9.50
CA ASN C 131 14.30 -13.09 -9.94
C ASN C 131 14.15 -13.20 -11.45
N THR C 132 13.01 -12.81 -12.01
CA THR C 132 12.75 -12.94 -13.46
C THR C 132 13.69 -12.00 -14.22
N LEU C 133 13.73 -10.76 -13.79
CA LEU C 133 14.59 -9.75 -14.45
C LEU C 133 16.05 -10.18 -14.34
N HIS C 134 16.54 -10.54 -13.14
CA HIS C 134 17.98 -10.87 -12.98
C HIS C 134 18.30 -12.07 -13.90
N GLU C 135 17.49 -13.11 -13.86
CA GLU C 135 17.83 -14.38 -14.54
C GLU C 135 17.83 -14.12 -16.05
N GLU C 136 17.13 -13.09 -16.53
CA GLU C 136 17.04 -12.80 -17.98
C GLU C 136 17.98 -11.65 -18.38
N SER C 137 18.99 -11.33 -17.56
CA SER C 137 20.04 -10.32 -17.80
C SER C 137 19.44 -8.91 -18.01
N LYS C 138 18.53 -8.52 -17.14
CA LYS C 138 17.93 -7.16 -17.12
C LYS C 138 18.47 -6.39 -15.91
N GLN C 139 18.67 -5.08 -16.04
CA GLN C 139 19.24 -4.23 -14.98
C GLN C 139 18.17 -3.91 -13.92
N ILE C 140 18.49 -4.15 -12.66
CA ILE C 140 17.67 -3.72 -11.50
C ILE C 140 18.45 -2.62 -10.78
N VAL C 141 17.78 -1.53 -10.46
CA VAL C 141 18.36 -0.43 -9.65
C VAL C 141 17.31 -0.12 -8.62
N ILE C 142 17.69 -0.24 -7.36
CA ILE C 142 16.83 0.02 -6.19
C ILE C 142 17.48 1.13 -5.37
N SER C 143 16.66 2.03 -4.85
CA SER C 143 17.13 3.02 -3.85
C SER C 143 16.33 2.85 -2.56
N SER C 144 16.85 3.44 -1.50
CA SER C 144 16.32 3.32 -0.12
C SER C 144 16.82 4.51 0.71
N ASP C 145 16.18 4.76 1.84
CA ASP C 145 16.62 5.81 2.81
C ASP C 145 17.57 5.15 3.82
N ARG C 146 17.88 3.85 3.66
CA ARG C 146 18.71 3.06 4.61
C ARG C 146 19.18 1.76 3.96
N PRO C 147 20.25 1.12 4.49
CA PRO C 147 20.79 -0.11 3.92
C PRO C 147 19.89 -1.31 4.17
N PRO C 148 20.02 -2.40 3.39
CA PRO C 148 19.06 -3.50 3.45
C PRO C 148 18.77 -4.07 4.85
N LYS C 149 19.78 -4.22 5.69
CA LYS C 149 19.62 -4.84 7.04
C LYS C 149 18.70 -3.99 7.92
N GLU C 150 18.56 -2.69 7.65
CA GLU C 150 17.72 -1.75 8.48
C GLU C 150 16.29 -1.64 7.93
N ILE C 151 15.93 -2.34 6.84
CA ILE C 151 14.54 -2.33 6.30
C ILE C 151 13.70 -3.37 7.03
N PRO C 152 12.69 -2.97 7.83
CA PRO C 152 11.88 -3.94 8.59
C PRO C 152 11.00 -4.87 7.74
N THR C 153 10.72 -6.06 8.29
CA THR C 153 9.79 -7.12 7.79
C THR C 153 10.35 -7.82 6.54
N LEU C 154 11.54 -7.48 6.05
CA LEU C 154 12.10 -8.11 4.84
C LEU C 154 12.49 -9.56 5.10
N GLU C 155 12.00 -10.50 4.31
CA GLU C 155 12.52 -11.90 4.31
C GLU C 155 14.02 -11.94 3.95
N ASP C 156 14.74 -12.93 4.45
CA ASP C 156 16.19 -13.09 4.20
C ASP C 156 16.44 -13.28 2.71
N ARG C 157 15.57 -13.99 2.02
CA ARG C 157 15.76 -14.29 0.58
C ARG C 157 15.74 -13.00 -0.24
N LEU C 158 15.03 -11.97 0.20
CA LEU C 158 14.92 -10.67 -0.50
C LEU C 158 16.09 -9.78 -0.05
N ARG C 159 16.33 -9.61 1.25
CA ARG C 159 17.51 -8.88 1.78
C ARG C 159 18.77 -9.31 1.00
N SER C 160 18.91 -10.58 0.70
CA SER C 160 20.15 -11.20 0.17
C SER C 160 20.27 -10.79 -1.30
N ARG C 161 19.14 -10.64 -1.94
CA ARG C 161 19.04 -10.20 -3.35
C ARG C 161 19.46 -8.73 -3.40
N PHE C 162 19.11 -7.91 -2.40
CA PHE C 162 19.54 -6.48 -2.33
C PHE C 162 21.05 -6.35 -2.08
N GLU C 163 21.69 -7.37 -1.46
CA GLU C 163 23.12 -7.35 -1.03
C GLU C 163 24.02 -8.03 -2.08
N TRP C 164 23.45 -8.53 -3.15
CA TRP C 164 24.13 -9.46 -4.09
C TRP C 164 24.91 -8.67 -5.12
N GLY C 165 24.52 -7.44 -5.43
CA GLY C 165 25.23 -6.57 -6.39
C GLY C 165 26.11 -5.58 -5.67
N LEU C 166 26.12 -4.32 -6.10
CA LEU C 166 26.87 -3.21 -5.45
C LEU C 166 25.89 -2.38 -4.65
N ILE C 167 26.17 -2.19 -3.37
CA ILE C 167 25.55 -1.19 -2.47
C ILE C 167 26.45 0.05 -2.47
N THR C 168 25.88 1.25 -2.67
CA THR C 168 26.61 2.54 -2.54
C THR C 168 25.77 3.47 -1.69
N ASP C 169 26.39 4.12 -0.74
CA ASP C 169 25.67 5.08 0.13
C ASP C 169 26.02 6.47 -0.36
N ILE C 170 25.15 7.44 -0.07
CA ILE C 170 25.39 8.87 -0.34
C ILE C 170 25.36 9.58 1.00
N THR C 171 26.35 10.43 1.24
CA THR C 171 26.43 11.22 2.50
C THR C 171 26.25 12.69 2.13
N PRO C 172 25.90 13.55 3.12
CA PRO C 172 25.61 14.96 2.84
C PRO C 172 26.82 15.72 2.30
N PRO C 173 26.66 16.55 1.25
CA PRO C 173 27.83 17.15 0.59
C PRO C 173 28.47 18.21 1.49
N ASP C 174 29.78 18.42 1.30
CA ASP C 174 30.62 19.36 2.09
C ASP C 174 30.41 20.79 1.55
N LEU C 175 31.08 21.79 2.17
CA LEU C 175 30.93 23.22 1.80
C LEU C 175 31.25 23.42 0.32
N GLU C 176 32.40 22.91 -0.15
CA GLU C 176 32.82 23.05 -1.58
C GLU C 176 31.73 22.57 -2.56
N THR C 177 31.01 21.47 -2.24
CA THR C 177 30.06 20.82 -3.17
C THR C 177 28.71 21.56 -3.14
N ARG C 178 28.22 21.90 -1.95
CA ARG C 178 27.06 22.83 -1.76
C ARG C 178 27.18 24.03 -2.72
N ILE C 179 28.33 24.72 -2.71
CA ILE C 179 28.59 25.94 -3.53
C ILE C 179 28.48 25.55 -5.00
N ALA C 180 29.17 24.48 -5.37
CA ALA C 180 29.22 23.95 -6.76
C ALA C 180 27.77 23.72 -7.25
N ILE C 181 26.91 23.23 -6.34
CA ILE C 181 25.49 22.87 -6.60
C ILE C 181 24.71 24.17 -6.80
N LEU C 182 24.80 25.09 -5.82
CA LEU C 182 24.26 26.48 -5.96
C LEU C 182 24.73 27.07 -7.29
N ARG C 183 26.02 27.00 -7.62
CA ARG C 183 26.55 27.63 -8.86
C ARG C 183 25.85 27.04 -10.09
N LYS C 184 25.51 25.75 -10.03
CA LYS C 184 25.04 24.95 -11.19
C LYS C 184 23.55 25.27 -11.44
N LYS C 185 22.80 25.40 -10.36
CA LYS C 185 21.35 25.80 -10.34
C LYS C 185 21.24 27.22 -10.93
N ALA C 186 22.00 28.17 -10.38
CA ALA C 186 22.13 29.56 -10.86
C ALA C 186 22.45 29.58 -12.35
N LYS C 187 23.45 28.82 -12.78
CA LYS C 187 23.91 28.82 -14.18
C LYS C 187 22.74 28.41 -15.09
N ALA C 188 21.99 27.40 -14.67
CA ALA C 188 20.86 26.85 -15.43
C ALA C 188 19.78 27.91 -15.56
N GLU C 189 19.51 28.66 -14.48
CA GLU C 189 18.39 29.66 -14.38
C GLU C 189 18.84 31.03 -14.92
N GLY C 190 19.90 31.09 -15.72
CA GLY C 190 20.46 32.31 -16.33
C GLY C 190 20.94 33.34 -15.31
N LEU C 191 20.96 33.04 -14.01
CA LEU C 191 21.23 34.06 -12.97
C LEU C 191 22.73 34.36 -12.89
N ASP C 192 23.05 35.38 -12.10
CA ASP C 192 24.42 35.91 -11.92
C ASP C 192 24.49 36.44 -10.49
N ILE C 193 25.37 35.88 -9.69
CA ILE C 193 25.29 36.02 -8.21
C ILE C 193 26.70 36.11 -7.66
N PRO C 194 27.04 37.15 -6.90
CA PRO C 194 28.31 37.19 -6.18
C PRO C 194 28.66 35.89 -5.43
N ASN C 195 29.95 35.52 -5.41
CA ASN C 195 30.50 34.36 -4.66
C ASN C 195 30.19 34.47 -3.17
N GLU C 196 30.25 35.66 -2.57
CA GLU C 196 30.01 35.83 -1.11
C GLU C 196 28.59 35.32 -0.78
N VAL C 197 27.67 35.43 -1.74
CA VAL C 197 26.24 35.03 -1.60
C VAL C 197 26.13 33.49 -1.52
N MET C 198 26.57 32.79 -2.57
CA MET C 198 26.72 31.31 -2.57
C MET C 198 27.42 30.89 -1.27
N LEU C 199 28.55 31.51 -0.96
CA LEU C 199 29.35 31.14 0.23
C LEU C 199 28.44 31.28 1.47
N TYR C 200 27.61 32.32 1.56
CA TYR C 200 26.82 32.60 2.79
C TYR C 200 25.70 31.54 2.90
N ILE C 201 25.01 31.33 1.77
CA ILE C 201 23.90 30.34 1.63
C ILE C 201 24.47 28.97 1.96
N ALA C 202 25.53 28.61 1.25
CA ALA C 202 26.30 27.36 1.41
C ALA C 202 26.66 27.16 2.89
N ASN C 203 27.04 28.21 3.63
CA ASN C 203 27.47 28.06 5.04
C ASN C 203 26.27 27.88 5.95
N GLN C 204 25.13 28.45 5.59
CA GLN C 204 23.94 28.43 6.48
C GLN C 204 23.11 27.16 6.30
N ILE C 205 23.02 26.67 5.08
CA ILE C 205 22.18 25.45 4.81
C ILE C 205 23.07 24.22 4.69
N ASP C 206 23.17 23.44 5.75
CA ASP C 206 23.93 22.15 5.71
C ASP C 206 22.97 21.05 6.13
N SER C 207 22.06 20.66 5.24
CA SER C 207 21.04 19.64 5.57
C SER C 207 20.80 18.77 4.35
N ASN C 208 20.09 19.30 3.35
CA ASN C 208 19.78 18.56 2.11
C ASN C 208 19.86 19.57 0.97
N ILE C 209 19.89 19.09 -0.27
CA ILE C 209 20.00 20.01 -1.44
C ILE C 209 18.63 20.63 -1.70
N ARG C 210 17.57 20.07 -1.13
CA ARG C 210 16.23 20.67 -1.29
C ARG C 210 16.22 21.99 -0.50
N GLU C 211 16.58 21.92 0.78
CA GLU C 211 16.67 23.14 1.59
C GLU C 211 17.62 24.12 0.90
N LEU C 212 18.64 23.62 0.22
CA LEU C 212 19.69 24.47 -0.41
C LEU C 212 19.10 25.22 -1.61
N GLU C 213 18.52 24.49 -2.56
CA GLU C 213 17.77 25.07 -3.71
C GLU C 213 16.74 26.10 -3.19
N GLY C 214 16.04 25.76 -2.11
CA GLY C 214 14.95 26.56 -1.54
C GLY C 214 15.46 27.88 -1.01
N ALA C 215 16.66 27.88 -0.41
CA ALA C 215 17.32 29.09 0.14
C ALA C 215 17.83 29.94 -1.02
N LEU C 216 18.35 29.34 -2.08
CA LEU C 216 18.66 30.14 -3.29
C LEU C 216 17.36 30.71 -3.85
N ILE C 217 16.23 30.00 -3.79
CA ILE C 217 14.98 30.45 -4.47
C ILE C 217 14.42 31.67 -3.73
N ARG C 218 14.52 31.70 -2.40
CA ARG C 218 13.99 32.79 -1.55
C ARG C 218 14.86 34.03 -1.74
N VAL C 219 16.18 33.86 -1.79
CA VAL C 219 17.14 34.98 -2.01
C VAL C 219 16.81 35.63 -3.35
N VAL C 220 16.68 34.86 -4.42
CA VAL C 220 16.36 35.42 -5.76
C VAL C 220 15.00 36.10 -5.72
N ALA C 221 14.03 35.57 -4.96
CA ALA C 221 12.63 36.05 -5.01
C ALA C 221 12.55 37.36 -4.24
N TYR C 222 13.16 37.42 -3.04
CA TYR C 222 13.23 38.63 -2.19
C TYR C 222 13.90 39.77 -2.97
N SER C 223 14.98 39.46 -3.71
CA SER C 223 15.68 40.38 -4.63
C SER C 223 14.65 40.94 -5.62
N SER C 224 14.01 40.07 -6.40
CA SER C 224 13.08 40.46 -7.48
C SER C 224 11.99 41.38 -6.90
N LEU C 225 11.58 41.12 -5.67
CA LEU C 225 10.48 41.85 -4.98
C LEU C 225 10.87 43.31 -4.76
N ILE C 226 11.87 43.53 -3.89
CA ILE C 226 12.37 44.87 -3.44
C ILE C 226 13.29 45.45 -4.52
N ASN C 227 13.35 44.80 -5.69
CA ASN C 227 14.11 45.20 -6.91
C ASN C 227 15.45 45.85 -6.56
N LYS C 228 16.27 45.23 -5.71
CA LYS C 228 17.69 45.59 -5.56
C LYS C 228 18.53 44.34 -5.86
N ASP C 229 19.71 44.52 -6.49
CA ASP C 229 20.65 43.46 -6.94
C ASP C 229 21.18 42.65 -5.74
N ILE C 230 21.59 41.41 -6.02
CA ILE C 230 21.84 40.36 -5.00
C ILE C 230 23.23 40.55 -4.38
N ASN C 231 23.32 40.50 -3.05
CA ASN C 231 24.59 40.57 -2.30
C ASN C 231 24.38 39.99 -0.89
N ALA C 232 25.46 39.83 -0.13
CA ALA C 232 25.48 39.14 1.19
C ALA C 232 24.43 39.72 2.15
N ASP C 233 24.20 41.03 2.12
CA ASP C 233 23.35 41.74 3.13
C ASP C 233 21.87 41.42 2.87
N LEU C 234 21.48 41.47 1.60
CA LEU C 234 20.15 41.08 1.06
C LEU C 234 19.92 39.60 1.42
N ALA C 235 20.90 38.75 1.08
CA ALA C 235 20.92 37.31 1.40
C ALA C 235 20.51 37.10 2.87
N ALA C 236 21.25 37.64 3.84
CA ALA C 236 21.01 37.36 5.28
C ALA C 236 19.63 37.86 5.70
N GLU C 237 19.18 38.96 5.07
CA GLU C 237 17.84 39.56 5.25
C GLU C 237 16.80 38.53 4.74
N ALA C 238 16.94 38.10 3.48
CA ALA C 238 16.06 37.09 2.84
C ALA C 238 15.96 35.79 3.68
N LEU C 239 17.06 35.26 4.23
CA LEU C 239 17.06 33.92 4.87
C LEU C 239 16.88 34.05 6.38
N LYS C 240 16.44 35.21 6.87
CA LYS C 240 16.30 35.47 8.33
C LYS C 240 15.32 34.46 8.97
N ASP C 241 14.51 33.72 8.22
CA ASP C 241 13.64 32.57 8.68
C ASP C 241 12.70 33.01 9.81
N MET D 7 -17.07 26.01 -4.71
CA MET D 7 -15.70 25.60 -4.17
C MET D 7 -14.88 26.81 -3.67
N LEU D 8 -14.87 27.92 -4.42
CA LEU D 8 -13.99 29.11 -4.20
C LEU D 8 -14.81 30.36 -3.88
N ASN D 9 -14.27 31.25 -3.06
CA ASN D 9 -14.95 32.49 -2.59
C ASN D 9 -14.74 33.58 -3.62
N PRO D 10 -15.83 34.11 -4.22
CA PRO D 10 -15.73 35.16 -5.25
C PRO D 10 -15.23 36.52 -4.69
N LYS D 11 -15.25 36.70 -3.37
CA LYS D 11 -14.65 37.87 -2.67
C LYS D 11 -13.13 37.75 -2.50
N TYR D 12 -12.60 36.53 -2.65
CA TYR D 12 -11.17 36.28 -2.38
C TYR D 12 -10.41 36.24 -3.71
N THR D 13 -10.04 37.42 -4.24
CA THR D 13 -9.16 37.57 -5.44
C THR D 13 -7.91 38.41 -5.13
N PHE D 14 -6.98 38.48 -6.08
CA PHE D 14 -5.82 39.40 -6.03
C PHE D 14 -6.32 40.84 -5.93
N ASP D 15 -7.36 41.23 -6.68
CA ASP D 15 -7.90 42.62 -6.69
C ASP D 15 -8.43 43.03 -5.31
N THR D 16 -9.10 42.14 -4.58
CA THR D 16 -9.74 42.48 -3.29
C THR D 16 -8.73 42.43 -2.13
N PHE D 17 -7.49 42.04 -2.45
CA PHE D 17 -6.40 41.85 -1.46
C PHE D 17 -5.62 43.14 -1.33
N VAL D 18 -5.60 43.70 -0.12
CA VAL D 18 -4.82 44.94 0.15
C VAL D 18 -3.37 44.59 0.48
N ILE D 19 -2.45 45.04 -0.36
CA ILE D 19 -0.99 44.79 -0.24
C ILE D 19 -0.38 45.79 0.75
N GLY D 20 0.07 45.32 1.92
CA GLY D 20 1.01 46.03 2.82
C GLY D 20 2.40 45.44 2.69
N SER D 21 3.33 45.81 3.57
CA SER D 21 4.71 45.26 3.56
C SER D 21 4.73 43.91 4.30
N GLY D 22 3.79 43.70 5.23
CA GLY D 22 3.62 42.44 5.97
C GLY D 22 3.17 41.30 5.06
N ASN D 23 2.64 41.57 3.86
CA ASN D 23 2.01 40.52 3.00
C ASN D 23 2.41 40.70 1.53
N ARG D 24 3.28 41.67 1.27
CA ARG D 24 3.76 42.01 -0.09
C ARG D 24 4.30 40.74 -0.76
N PHE D 25 5.06 39.95 0.01
CA PHE D 25 5.90 38.84 -0.53
C PHE D 25 5.01 37.63 -0.87
N ALA D 26 4.15 37.22 0.05
CA ALA D 26 3.09 36.21 -0.22
C ALA D 26 2.27 36.66 -1.43
N HIS D 27 1.93 37.95 -1.54
CA HIS D 27 1.10 38.39 -2.67
C HIS D 27 1.81 38.13 -3.99
N ALA D 28 3.03 38.67 -4.13
CA ALA D 28 3.87 38.55 -5.34
C ALA D 28 4.00 37.08 -5.77
N ALA D 29 4.44 36.24 -4.83
CA ALA D 29 4.70 34.80 -5.02
C ALA D 29 3.41 34.10 -5.49
N SER D 30 2.30 34.38 -4.81
CA SER D 30 0.95 33.90 -5.19
C SER D 30 0.63 34.34 -6.61
N LEU D 31 0.88 35.59 -6.96
CA LEU D 31 0.54 36.10 -8.32
C LEU D 31 1.41 35.40 -9.36
N ALA D 32 2.72 35.27 -9.07
CA ALA D 32 3.72 34.62 -9.95
C ALA D 32 3.28 33.17 -10.28
N VAL D 33 2.90 32.42 -9.24
CA VAL D 33 2.36 31.04 -9.28
C VAL D 33 1.12 31.01 -10.17
N ALA D 34 0.18 31.89 -9.88
CA ALA D 34 -1.07 32.03 -10.64
C ALA D 34 -0.76 32.28 -12.12
N GLU D 35 0.15 33.20 -12.43
CA GLU D 35 0.51 33.60 -13.82
C GLU D 35 1.23 32.47 -14.55
N ALA D 36 1.96 31.62 -13.83
CA ALA D 36 2.79 30.51 -14.38
C ALA D 36 2.76 29.31 -13.44
N PRO D 37 1.66 28.53 -13.50
CA PRO D 37 1.51 27.36 -12.64
C PRO D 37 2.51 26.25 -12.99
N ALA D 38 3.12 25.72 -11.94
CA ALA D 38 4.15 24.66 -11.99
C ALA D 38 5.49 25.15 -12.60
N LYS D 39 5.61 26.40 -13.07
CA LYS D 39 6.78 26.92 -13.84
C LYS D 39 7.41 28.13 -13.13
N ALA D 40 7.01 28.49 -11.93
CA ALA D 40 7.52 29.68 -11.22
C ALA D 40 8.08 29.30 -9.84
N TYR D 41 7.22 28.96 -8.89
CA TYR D 41 7.63 28.42 -7.57
C TYR D 41 6.79 27.17 -7.34
N ASN D 42 7.44 26.02 -7.12
CA ASN D 42 6.73 24.74 -6.87
C ASN D 42 7.56 23.88 -5.92
N PRO D 43 7.13 23.67 -4.66
CA PRO D 43 5.89 24.21 -4.11
C PRO D 43 5.98 25.67 -3.64
N LEU D 44 4.82 26.27 -3.40
CA LEU D 44 4.70 27.56 -2.70
C LEU D 44 4.15 27.23 -1.32
N PHE D 45 4.88 27.61 -0.27
CA PHE D 45 4.50 27.36 1.13
C PHE D 45 4.33 28.71 1.83
N ILE D 46 3.08 29.03 2.24
CA ILE D 46 2.66 30.36 2.81
C ILE D 46 2.33 30.12 4.29
N TYR D 47 2.92 30.89 5.20
CA TYR D 47 2.53 30.77 6.61
C TYR D 47 2.46 32.15 7.28
N GLY D 48 1.75 32.18 8.40
CA GLY D 48 1.51 33.41 9.18
C GLY D 48 0.43 33.18 10.20
N GLY D 49 0.26 34.16 11.09
CA GLY D 49 -0.75 34.12 12.17
C GLY D 49 -2.19 34.26 11.69
N VAL D 50 -3.11 34.12 12.62
CA VAL D 50 -4.57 34.12 12.41
C VAL D 50 -4.94 35.32 11.53
N GLY D 51 -5.87 35.11 10.61
CA GLY D 51 -6.62 36.16 9.90
C GLY D 51 -5.74 37.19 9.23
N LEU D 52 -4.78 36.74 8.43
CA LEU D 52 -3.87 37.62 7.66
C LEU D 52 -3.93 37.32 6.15
N GLY D 53 -4.89 36.50 5.69
CA GLY D 53 -5.23 36.39 4.25
C GLY D 53 -4.53 35.23 3.56
N LYS D 54 -4.14 34.17 4.29
CA LYS D 54 -3.54 32.96 3.67
C LYS D 54 -4.60 32.31 2.76
N THR D 55 -5.77 32.01 3.29
CA THR D 55 -6.86 31.34 2.52
C THR D 55 -7.30 32.23 1.34
N HIS D 56 -7.49 33.52 1.58
CA HIS D 56 -7.84 34.52 0.53
C HIS D 56 -6.86 34.34 -0.62
N LEU D 57 -5.58 34.26 -0.31
CA LEU D 57 -4.50 34.27 -1.34
C LEU D 57 -4.55 32.97 -2.11
N MET D 58 -4.90 31.89 -1.43
CA MET D 58 -5.04 30.55 -2.03
C MET D 58 -6.23 30.53 -2.98
N HIS D 59 -7.41 31.02 -2.56
CA HIS D 59 -8.58 31.12 -3.45
C HIS D 59 -8.22 32.05 -4.62
N ALA D 60 -7.42 33.07 -4.38
CA ALA D 60 -7.05 34.05 -5.45
C ALA D 60 -6.25 33.35 -6.53
N ILE D 61 -5.33 32.48 -6.15
CA ILE D 61 -4.50 31.66 -7.10
C ILE D 61 -5.49 30.83 -7.93
N GLY D 62 -6.47 30.23 -7.26
CA GLY D 62 -7.46 29.34 -7.89
C GLY D 62 -8.36 30.06 -8.90
N HIS D 63 -8.80 31.27 -8.56
CA HIS D 63 -9.62 32.09 -9.46
C HIS D 63 -8.81 32.41 -10.71
N TYR D 64 -7.57 32.84 -10.53
CA TYR D 64 -6.74 33.36 -11.65
C TYR D 64 -6.45 32.22 -12.64
N VAL D 65 -6.11 31.04 -12.12
CA VAL D 65 -5.74 29.88 -12.98
C VAL D 65 -6.99 29.43 -13.73
N ILE D 66 -8.12 29.32 -13.05
CA ILE D 66 -9.35 28.79 -13.71
C ILE D 66 -9.79 29.75 -14.82
N ASP D 67 -9.59 31.06 -14.63
CA ASP D 67 -10.07 32.05 -15.61
C ASP D 67 -9.18 32.05 -16.87
N HIS D 68 -7.90 31.74 -16.72
CA HIS D 68 -6.95 31.73 -17.86
C HIS D 68 -6.78 30.31 -18.42
N ASN D 69 -7.50 29.33 -17.89
CA ASN D 69 -7.42 27.93 -18.36
C ASN D 69 -8.65 27.15 -17.88
N PRO D 70 -9.69 27.00 -18.74
CA PRO D 70 -10.91 26.30 -18.35
C PRO D 70 -10.74 24.79 -18.24
N SER D 71 -9.63 24.25 -18.76
CA SER D 71 -9.38 22.78 -18.73
C SER D 71 -8.56 22.42 -17.48
N ALA D 72 -8.04 23.43 -16.79
CA ALA D 72 -7.21 23.18 -15.58
C ALA D 72 -8.06 22.61 -14.44
N LYS D 73 -7.64 21.50 -13.82
CA LYS D 73 -8.32 20.94 -12.62
C LYS D 73 -7.65 21.52 -11.34
N VAL D 74 -8.36 22.43 -10.67
CA VAL D 74 -7.87 23.18 -9.48
C VAL D 74 -8.65 22.70 -8.27
N VAL D 75 -7.98 22.20 -7.25
CA VAL D 75 -8.69 21.73 -6.04
C VAL D 75 -8.17 22.52 -4.83
N TYR D 76 -9.08 23.13 -4.10
CA TYR D 76 -8.86 23.79 -2.79
C TYR D 76 -9.52 22.90 -1.75
N LEU D 77 -8.79 22.55 -0.70
CA LEU D 77 -9.38 21.98 0.53
C LEU D 77 -8.43 22.15 1.71
N SER D 78 -8.99 22.17 2.93
CA SER D 78 -8.18 22.12 4.17
C SER D 78 -7.54 20.73 4.34
N SER D 79 -6.44 20.65 5.06
CA SER D 79 -5.75 19.38 5.33
C SER D 79 -6.69 18.50 6.14
N GLU D 80 -7.62 19.07 6.90
CA GLU D 80 -8.58 18.27 7.74
C GLU D 80 -9.62 17.61 6.82
N LYS D 81 -9.96 18.25 5.72
CA LYS D 81 -10.89 17.60 4.76
C LYS D 81 -10.13 16.50 4.02
N PHE D 82 -8.84 16.73 3.71
CA PHE D 82 -7.94 15.73 3.05
C PHE D 82 -7.90 14.51 3.99
N THR D 83 -7.68 14.72 5.29
CA THR D 83 -7.61 13.66 6.33
C THR D 83 -8.92 12.87 6.37
N ASN D 84 -10.08 13.50 6.49
CA ASN D 84 -11.39 12.80 6.60
C ASN D 84 -11.70 12.02 5.32
N GLU D 85 -11.42 12.58 4.15
CA GLU D 85 -11.68 11.88 2.88
C GLU D 85 -10.75 10.65 2.74
N PHE D 86 -9.49 10.77 3.13
CA PHE D 86 -8.54 9.64 3.12
C PHE D 86 -9.03 8.52 4.06
N ILE D 87 -9.17 8.81 5.35
CA ILE D 87 -9.64 7.81 6.38
C ILE D 87 -10.97 7.16 5.94
N ASN D 88 -11.87 7.90 5.30
CA ASN D 88 -13.14 7.31 4.78
C ASN D 88 -12.85 6.36 3.62
N SER D 89 -12.07 6.78 2.64
CA SER D 89 -11.70 5.99 1.45
C SER D 89 -11.06 4.67 1.92
N ILE D 90 -10.41 4.62 3.09
CA ILE D 90 -9.85 3.34 3.62
C ILE D 90 -11.00 2.52 4.21
N ARG D 91 -11.70 3.03 5.23
CA ARG D 91 -12.88 2.35 5.81
C ARG D 91 -13.77 1.80 4.68
N ASP D 92 -14.08 2.58 3.65
CA ASP D 92 -15.06 2.22 2.58
C ASP D 92 -14.37 1.54 1.41
N ASN D 93 -13.09 1.20 1.56
CA ASN D 93 -12.24 0.48 0.57
C ASN D 93 -12.26 1.15 -0.81
N LYS D 94 -12.07 2.46 -0.89
CA LYS D 94 -12.11 3.23 -2.16
C LYS D 94 -10.85 4.10 -2.26
N ALA D 95 -9.74 3.64 -1.68
CA ALA D 95 -8.43 4.35 -1.65
C ALA D 95 -8.01 4.73 -3.08
N VAL D 96 -8.25 3.89 -4.07
CA VAL D 96 -7.86 4.15 -5.49
C VAL D 96 -8.67 5.33 -6.03
N ASP D 97 -9.87 5.56 -5.49
CA ASP D 97 -10.79 6.64 -5.94
C ASP D 97 -10.29 8.00 -5.40
N PHE D 98 -9.81 8.02 -4.15
CA PHE D 98 -9.14 9.19 -3.53
C PHE D 98 -7.87 9.54 -4.31
N ARG D 99 -7.01 8.55 -4.57
CA ARG D 99 -5.75 8.75 -5.34
C ARG D 99 -6.06 9.32 -6.72
N ASN D 100 -7.06 8.80 -7.42
CA ASN D 100 -7.40 9.28 -8.79
C ASN D 100 -7.75 10.77 -8.75
N ARG D 101 -8.42 11.23 -7.68
CA ARG D 101 -8.83 12.64 -7.54
C ARG D 101 -7.57 13.47 -7.35
N TYR D 102 -6.92 13.29 -6.20
CA TYR D 102 -5.89 14.21 -5.67
C TYR D 102 -4.60 14.08 -6.46
N ARG D 103 -4.31 12.93 -7.07
CA ARG D 103 -2.99 12.77 -7.72
C ARG D 103 -3.06 13.18 -9.18
N ASN D 104 -4.21 13.64 -9.70
CA ASN D 104 -4.27 14.04 -11.12
C ASN D 104 -4.80 15.45 -11.26
N VAL D 105 -4.81 16.22 -10.18
CA VAL D 105 -5.19 17.65 -10.28
C VAL D 105 -4.08 18.35 -11.06
N ASP D 106 -4.33 19.58 -11.52
CA ASP D 106 -3.31 20.45 -12.19
C ASP D 106 -2.77 21.43 -11.13
N VAL D 107 -3.59 21.81 -10.17
CA VAL D 107 -3.19 22.72 -9.07
C VAL D 107 -3.86 22.16 -7.80
N LEU D 108 -3.06 21.90 -6.77
CA LEU D 108 -3.53 21.51 -5.44
C LEU D 108 -3.24 22.66 -4.47
N LEU D 109 -4.30 23.19 -3.85
CA LEU D 109 -4.24 24.28 -2.85
C LEU D 109 -4.74 23.66 -1.56
N ILE D 110 -3.81 23.32 -0.67
CA ILE D 110 -4.16 22.63 0.61
C ILE D 110 -3.86 23.60 1.76
N ASP D 111 -4.88 23.86 2.58
CA ASP D 111 -4.86 24.92 3.62
C ASP D 111 -4.55 24.27 4.94
N ASP D 112 -3.86 24.99 5.82
CA ASP D 112 -3.64 24.64 7.24
C ASP D 112 -3.01 23.24 7.37
N ILE D 113 -1.88 23.02 6.73
CA ILE D 113 -1.14 21.72 6.70
C ILE D 113 -0.80 21.26 8.14
N GLN D 114 -0.72 22.18 9.10
CA GLN D 114 -0.38 21.87 10.50
C GLN D 114 -1.37 20.87 11.11
N PHE D 115 -2.57 20.64 10.56
CA PHE D 115 -3.57 19.72 11.15
C PHE D 115 -3.27 18.29 10.73
N LEU D 116 -2.17 18.06 10.00
CA LEU D 116 -1.57 16.71 9.75
C LEU D 116 -0.72 16.26 10.95
N ALA D 117 -0.42 17.15 11.90
CA ALA D 117 0.35 16.83 13.13
C ALA D 117 -0.32 15.68 13.88
N GLY D 118 0.41 14.58 14.11
CA GLY D 118 -0.06 13.40 14.85
C GLY D 118 -0.94 12.49 13.99
N LYS D 119 -0.99 12.70 12.69
CA LYS D 119 -1.75 11.86 11.73
C LYS D 119 -0.74 11.18 10.79
N GLU D 120 0.00 10.20 11.30
CA GLU D 120 1.20 9.59 10.64
C GLU D 120 0.72 8.94 9.33
N GLN D 121 -0.43 8.27 9.32
CA GLN D 121 -0.98 7.61 8.10
C GLN D 121 -1.27 8.67 7.03
N THR D 122 -1.97 9.75 7.39
CA THR D 122 -2.40 10.83 6.45
C THR D 122 -1.17 11.55 5.88
N GLN D 123 -0.21 11.89 6.74
CA GLN D 123 1.09 12.49 6.38
C GLN D 123 1.73 11.72 5.23
N GLU D 124 1.71 10.40 5.30
CA GLU D 124 2.37 9.50 4.31
C GLU D 124 1.61 9.61 3.00
N GLU D 125 0.28 9.54 3.06
CA GLU D 125 -0.56 9.68 1.86
C GLU D 125 -0.29 11.06 1.25
N PHE D 126 -0.16 12.11 2.08
CA PHE D 126 0.11 13.46 1.53
C PHE D 126 1.49 13.49 0.87
N PHE D 127 2.50 12.91 1.53
CA PHE D 127 3.85 12.65 0.98
C PHE D 127 3.77 12.11 -0.47
N HIS D 128 3.12 10.98 -0.65
CA HIS D 128 3.00 10.26 -1.96
C HIS D 128 2.20 11.14 -2.94
N THR D 129 1.19 11.87 -2.44
CA THR D 129 0.42 12.86 -3.24
C THR D 129 1.37 13.97 -3.68
N PHE D 130 2.12 14.55 -2.75
CA PHE D 130 3.12 15.58 -3.10
C PHE D 130 3.99 15.03 -4.26
N ASN D 131 4.61 13.86 -4.06
CA ASN D 131 5.65 13.35 -5.00
C ASN D 131 5.06 13.17 -6.39
N THR D 132 3.86 12.59 -6.46
CA THR D 132 3.15 12.31 -7.74
C THR D 132 2.88 13.63 -8.45
N LEU D 133 2.26 14.58 -7.75
CA LEU D 133 1.91 15.91 -8.32
C LEU D 133 3.19 16.62 -8.75
N HIS D 134 4.25 16.64 -7.90
CA HIS D 134 5.55 17.27 -8.23
C HIS D 134 6.17 16.67 -9.50
N GLU D 135 6.38 15.36 -9.61
CA GLU D 135 7.17 14.80 -10.75
C GLU D 135 6.36 14.85 -12.05
N GLU D 136 5.06 15.14 -11.98
CA GLU D 136 4.19 15.30 -13.18
C GLU D 136 3.93 16.80 -13.44
N SER D 137 4.71 17.70 -12.83
CA SER D 137 4.69 19.17 -13.10
C SER D 137 3.31 19.77 -12.82
N LYS D 138 2.72 19.44 -11.67
CA LYS D 138 1.46 20.03 -11.16
C LYS D 138 1.78 20.98 -10.00
N GLN D 139 0.99 22.03 -9.85
CA GLN D 139 1.32 23.07 -8.86
C GLN D 139 0.86 22.58 -7.50
N ILE D 140 1.71 22.68 -6.51
CA ILE D 140 1.31 22.47 -5.10
C ILE D 140 1.39 23.82 -4.37
N VAL D 141 0.36 24.16 -3.59
CA VAL D 141 0.41 25.33 -2.69
C VAL D 141 0.00 24.89 -1.29
N ILE D 142 0.83 25.17 -0.31
CA ILE D 142 0.55 24.73 1.07
C ILE D 142 0.57 25.99 1.90
N SER D 143 -0.37 26.09 2.82
CA SER D 143 -0.41 27.17 3.81
C SER D 143 -0.31 26.55 5.20
N SER D 144 0.27 27.31 6.13
CA SER D 144 0.47 26.90 7.54
C SER D 144 0.32 28.10 8.45
N ASP D 145 0.07 27.88 9.71
CA ASP D 145 0.08 28.94 10.75
C ASP D 145 1.51 29.05 11.33
N ARG D 146 2.48 28.31 10.77
CA ARG D 146 3.88 28.24 11.28
C ARG D 146 4.80 27.59 10.24
N PRO D 147 6.12 27.88 10.26
CA PRO D 147 7.06 27.33 9.26
C PRO D 147 7.22 25.82 9.39
N PRO D 148 7.64 25.12 8.32
CA PRO D 148 7.72 23.65 8.34
C PRO D 148 8.42 23.09 9.59
N LYS D 149 9.59 23.64 9.94
CA LYS D 149 10.37 23.36 11.19
C LYS D 149 9.46 23.27 12.43
N GLU D 150 8.51 24.19 12.61
CA GLU D 150 7.66 24.32 13.83
C GLU D 150 6.47 23.34 13.81
N ILE D 151 6.31 22.49 12.79
CA ILE D 151 5.14 21.54 12.78
C ILE D 151 5.58 20.23 13.46
N PRO D 152 5.01 19.90 14.64
CA PRO D 152 5.37 18.67 15.36
C PRO D 152 4.97 17.40 14.60
N THR D 153 5.75 16.32 14.80
CA THR D 153 5.51 14.93 14.31
C THR D 153 5.90 14.79 12.83
N LEU D 154 6.15 15.89 12.12
CA LEU D 154 6.55 15.92 10.68
C LEU D 154 7.87 15.18 10.44
N GLU D 155 7.85 14.11 9.67
CA GLU D 155 9.11 13.44 9.25
C GLU D 155 9.96 14.42 8.40
N ASP D 156 11.26 14.14 8.37
CA ASP D 156 12.31 14.89 7.60
C ASP D 156 12.01 14.87 6.11
N ARG D 157 11.54 13.74 5.58
CA ARG D 157 11.35 13.58 4.12
C ARG D 157 10.28 14.59 3.63
N LEU D 158 9.31 14.92 4.49
CA LEU D 158 8.17 15.82 4.19
C LEU D 158 8.57 17.28 4.46
N ARG D 159 9.16 17.57 5.62
CA ARG D 159 9.68 18.93 5.96
C ARG D 159 10.57 19.38 4.79
N SER D 160 11.49 18.53 4.36
CA SER D 160 12.41 18.78 3.24
C SER D 160 11.63 19.22 1.99
N ARG D 161 10.46 18.62 1.73
CA ARG D 161 9.70 18.93 0.49
C ARG D 161 9.01 20.31 0.62
N PHE D 162 8.58 20.67 1.82
CA PHE D 162 7.96 21.98 2.12
C PHE D 162 8.99 23.11 1.93
N GLU D 163 10.29 22.81 2.07
CA GLU D 163 11.38 23.84 2.05
C GLU D 163 12.04 23.88 0.66
N TRP D 164 11.59 23.05 -0.28
CA TRP D 164 12.25 22.84 -1.59
C TRP D 164 11.91 23.99 -2.55
N GLY D 165 10.86 24.73 -2.26
CA GLY D 165 10.34 25.73 -3.20
C GLY D 165 10.55 27.13 -2.68
N LEU D 166 9.52 27.97 -2.75
CA LEU D 166 9.49 29.26 -2.03
C LEU D 166 8.63 29.14 -0.77
N ILE D 167 9.22 29.42 0.39
CA ILE D 167 8.56 29.74 1.67
C ILE D 167 8.36 31.25 1.75
N THR D 168 7.18 31.73 2.14
CA THR D 168 6.84 33.17 2.37
C THR D 168 6.00 33.30 3.63
N ASP D 169 6.44 34.11 4.60
CA ASP D 169 5.61 34.40 5.80
C ASP D 169 4.72 35.59 5.43
N ILE D 170 3.64 35.78 6.20
CA ILE D 170 2.81 37.00 6.29
C ILE D 170 2.76 37.42 7.78
N THR D 171 3.10 38.69 8.01
CA THR D 171 3.13 39.27 9.36
C THR D 171 1.99 40.25 9.49
N PRO D 172 1.47 40.49 10.72
CA PRO D 172 0.30 41.37 10.89
C PRO D 172 0.43 42.75 10.24
N PRO D 173 -0.66 43.32 9.69
CA PRO D 173 -0.62 44.60 8.98
C PRO D 173 -0.41 45.85 9.85
N ASP D 174 0.28 46.85 9.31
CA ASP D 174 0.48 48.13 10.04
C ASP D 174 -0.83 48.93 10.08
N LEU D 175 -0.79 50.12 10.67
CA LEU D 175 -2.01 50.95 10.82
C LEU D 175 -2.45 51.46 9.45
N GLU D 176 -1.49 51.85 8.61
CA GLU D 176 -1.82 52.36 7.26
C GLU D 176 -2.52 51.27 6.48
N THR D 177 -2.02 50.04 6.60
CA THR D 177 -2.61 48.91 5.86
C THR D 177 -3.93 48.52 6.52
N ARG D 178 -4.01 48.61 7.84
CA ARG D 178 -5.30 48.31 8.52
C ARG D 178 -6.37 49.32 8.10
N ILE D 179 -5.94 50.53 7.76
CA ILE D 179 -6.88 51.60 7.31
C ILE D 179 -7.25 51.27 5.87
N ALA D 180 -6.26 51.04 5.01
CA ALA D 180 -6.40 50.66 3.58
C ALA D 180 -7.40 49.50 3.41
N ILE D 181 -7.37 48.55 4.34
CA ILE D 181 -8.24 47.34 4.30
C ILE D 181 -9.66 47.70 4.74
N LEU D 182 -9.80 48.52 5.77
CA LEU D 182 -11.14 48.95 6.27
C LEU D 182 -11.84 49.73 5.16
N ARG D 183 -11.09 50.52 4.40
CA ARG D 183 -11.66 51.32 3.30
C ARG D 183 -12.10 50.38 2.18
N LYS D 184 -11.34 49.32 1.91
CA LYS D 184 -11.67 48.37 0.82
C LYS D 184 -12.98 47.68 1.13
N LYS D 185 -13.15 47.19 2.36
CA LYS D 185 -14.38 46.49 2.78
C LYS D 185 -15.56 47.45 2.71
N ALA D 186 -15.41 48.65 3.25
CA ALA D 186 -16.45 49.70 3.19
C ALA D 186 -16.78 49.99 1.73
N LYS D 187 -15.78 50.24 0.90
CA LYS D 187 -16.04 50.54 -0.53
C LYS D 187 -16.79 49.37 -1.17
N ALA D 188 -16.48 48.13 -0.79
CA ALA D 188 -17.02 46.90 -1.40
C ALA D 188 -18.55 46.84 -1.18
N GLU D 189 -19.02 47.50 -0.12
CA GLU D 189 -20.43 47.52 0.33
C GLU D 189 -21.05 48.87 -0.01
N GLY D 190 -20.33 49.71 -0.78
CA GLY D 190 -20.76 51.02 -1.29
C GLY D 190 -20.92 52.03 -0.18
N LEU D 191 -20.28 51.83 0.96
CA LEU D 191 -20.45 52.73 2.13
C LEU D 191 -19.56 53.95 1.93
N ASP D 192 -20.02 55.10 2.43
CA ASP D 192 -19.24 56.36 2.59
C ASP D 192 -18.93 56.54 4.08
N ILE D 193 -17.67 56.36 4.48
CA ILE D 193 -17.28 56.40 5.92
C ILE D 193 -16.15 57.39 6.09
N PRO D 194 -16.30 58.40 6.99
CA PRO D 194 -15.22 59.35 7.27
C PRO D 194 -13.86 58.70 7.65
N ASN D 195 -12.74 59.28 7.22
CA ASN D 195 -11.38 58.84 7.61
C ASN D 195 -11.24 58.73 9.13
N GLU D 196 -11.71 59.70 9.92
CA GLU D 196 -11.50 59.64 11.39
C GLU D 196 -12.11 58.32 11.93
N VAL D 197 -13.11 57.74 11.24
CA VAL D 197 -13.78 56.47 11.70
C VAL D 197 -12.83 55.28 11.45
N MET D 198 -12.26 55.19 10.26
CA MET D 198 -11.27 54.13 9.94
C MET D 198 -10.10 54.26 10.93
N LEU D 199 -9.50 55.45 11.03
CA LEU D 199 -8.34 55.80 11.90
C LEU D 199 -8.66 55.38 13.35
N TYR D 200 -9.84 55.65 13.85
CA TYR D 200 -10.21 55.20 15.21
C TYR D 200 -10.19 53.66 15.28
N ILE D 201 -10.82 52.97 14.32
CA ILE D 201 -10.98 51.49 14.37
C ILE D 201 -9.60 50.86 14.25
N ALA D 202 -8.86 51.23 13.22
CA ALA D 202 -7.50 50.72 12.93
C ALA D 202 -6.62 50.88 14.18
N ASN D 203 -6.90 51.88 15.04
CA ASN D 203 -6.05 52.21 16.22
C ASN D 203 -6.40 51.31 17.38
N GLN D 204 -7.69 51.00 17.53
CA GLN D 204 -8.15 50.17 18.65
C GLN D 204 -8.00 48.68 18.31
N ILE D 205 -8.02 48.33 17.03
CA ILE D 205 -7.96 46.90 16.61
C ILE D 205 -6.65 46.60 15.91
N ASP D 206 -5.69 46.00 16.61
CA ASP D 206 -4.42 45.57 15.98
C ASP D 206 -4.25 44.09 16.31
N SER D 207 -4.96 43.22 15.60
CA SER D 207 -4.93 41.77 15.89
C SER D 207 -4.96 40.99 14.57
N ASN D 208 -6.16 40.81 14.02
CA ASN D 208 -6.34 40.10 12.74
C ASN D 208 -7.37 40.86 11.92
N ILE D 209 -7.33 40.71 10.60
CA ILE D 209 -8.36 41.36 9.73
C ILE D 209 -9.77 40.80 10.03
N ARG D 210 -9.92 39.63 10.63
CA ARG D 210 -11.29 39.15 10.98
C ARG D 210 -11.91 40.18 11.94
N GLU D 211 -11.15 40.63 12.93
CA GLU D 211 -11.63 41.48 14.05
C GLU D 211 -11.93 42.91 13.55
N LEU D 212 -11.08 43.39 12.65
CA LEU D 212 -11.31 44.55 11.78
C LEU D 212 -12.68 44.46 11.11
N GLU D 213 -12.90 43.44 10.27
CA GLU D 213 -14.15 43.29 9.50
C GLU D 213 -15.34 43.31 10.46
N GLY D 214 -15.22 42.65 11.60
CA GLY D 214 -16.33 42.51 12.56
C GLY D 214 -16.61 43.83 13.25
N ALA D 215 -15.56 44.63 13.42
CA ALA D 215 -15.68 45.97 14.01
C ALA D 215 -16.49 46.83 13.02
N LEU D 216 -16.09 46.87 11.76
CA LEU D 216 -16.80 47.66 10.73
C LEU D 216 -18.28 47.25 10.70
N ILE D 217 -18.55 45.94 10.69
CA ILE D 217 -19.92 45.36 10.64
C ILE D 217 -20.71 45.86 11.86
N ARG D 218 -20.06 45.95 13.02
CA ARG D 218 -20.77 46.36 14.25
C ARG D 218 -21.11 47.85 14.12
N VAL D 219 -20.14 48.68 13.74
CA VAL D 219 -20.31 50.15 13.56
C VAL D 219 -21.48 50.35 12.61
N VAL D 220 -21.41 49.73 11.45
CA VAL D 220 -22.45 49.88 10.38
C VAL D 220 -23.82 49.36 10.85
N ALA D 221 -23.90 48.23 11.54
CA ALA D 221 -25.19 47.66 12.01
C ALA D 221 -25.82 48.60 13.06
N TYR D 222 -24.98 49.25 13.87
CA TYR D 222 -25.42 50.19 14.95
C TYR D 222 -25.95 51.45 14.28
N SER D 223 -25.24 51.99 13.32
CA SER D 223 -25.68 53.15 12.53
C SER D 223 -27.13 52.89 12.07
N SER D 224 -27.33 51.79 11.37
CA SER D 224 -28.62 51.46 10.73
C SER D 224 -29.70 51.20 11.79
N LEU D 225 -29.33 50.64 12.95
CA LEU D 225 -30.32 50.36 14.03
C LEU D 225 -30.90 51.68 14.51
N ILE D 226 -30.05 52.66 14.87
CA ILE D 226 -30.47 53.93 15.54
C ILE D 226 -30.65 55.06 14.53
N ASN D 227 -30.66 54.73 13.24
CA ASN D 227 -31.03 55.61 12.10
C ASN D 227 -30.25 56.94 12.17
N LYS D 228 -28.94 56.91 12.46
CA LYS D 228 -28.00 58.07 12.45
C LYS D 228 -26.77 57.73 11.58
N ASP D 229 -26.10 58.73 11.04
CA ASP D 229 -24.92 58.58 10.15
C ASP D 229 -23.68 58.14 10.94
N ILE D 230 -22.70 57.60 10.23
CA ILE D 230 -21.47 57.05 10.87
C ILE D 230 -20.45 58.19 11.07
N ASN D 231 -20.03 58.39 12.33
CA ASN D 231 -18.86 59.23 12.73
C ASN D 231 -18.11 58.56 13.88
N ALA D 232 -16.97 59.14 14.28
CA ALA D 232 -16.12 58.63 15.38
C ALA D 232 -16.96 58.38 16.64
N ASP D 233 -17.96 59.20 16.92
CA ASP D 233 -18.69 59.12 18.22
C ASP D 233 -19.50 57.83 18.26
N LEU D 234 -20.21 57.55 17.18
CA LEU D 234 -21.07 56.35 17.00
C LEU D 234 -20.19 55.10 16.94
N ALA D 235 -19.09 55.12 16.18
CA ALA D 235 -18.13 53.99 16.16
C ALA D 235 -17.72 53.67 17.60
N ALA D 236 -17.21 54.67 18.32
CA ALA D 236 -16.74 54.52 19.72
C ALA D 236 -17.86 53.93 20.57
N GLU D 237 -19.11 54.36 20.37
CA GLU D 237 -20.29 53.86 21.13
C GLU D 237 -20.55 52.38 20.75
N ALA D 238 -20.45 52.05 19.47
CA ALA D 238 -20.76 50.68 18.99
C ALA D 238 -19.70 49.66 19.39
N LEU D 239 -18.43 50.05 19.45
CA LEU D 239 -17.36 49.07 19.70
C LEU D 239 -16.98 49.05 21.18
N LYS D 240 -17.77 49.66 22.04
CA LYS D 240 -17.39 49.78 23.48
C LYS D 240 -17.05 48.41 24.07
N ASP D 241 -17.38 47.32 23.40
CA ASP D 241 -17.13 45.97 23.99
C ASP D 241 -16.66 44.99 22.93
N MET E 7 -38.85 19.65 17.92
CA MET E 7 -37.44 20.20 18.01
C MET E 7 -37.44 21.52 18.82
N LEU E 8 -38.12 22.57 18.30
CA LEU E 8 -38.07 23.96 18.83
C LEU E 8 -39.29 24.25 19.73
N ASN E 9 -39.14 25.27 20.58
CA ASN E 9 -40.19 25.74 21.53
C ASN E 9 -41.21 26.57 20.77
N PRO E 10 -42.47 26.11 20.66
CA PRO E 10 -43.47 26.81 19.85
C PRO E 10 -43.85 28.18 20.43
N LYS E 11 -43.51 28.45 21.69
CA LYS E 11 -43.84 29.70 22.41
C LYS E 11 -42.68 30.72 22.27
N TYR E 12 -41.52 30.29 21.74
CA TYR E 12 -40.36 31.19 21.51
C TYR E 12 -40.36 31.59 20.02
N THR E 13 -41.10 32.64 19.67
CA THR E 13 -41.17 33.24 18.30
C THR E 13 -40.79 34.73 18.35
N PHE E 14 -40.63 35.38 17.21
CA PHE E 14 -40.60 36.87 17.08
C PHE E 14 -41.90 37.45 17.66
N ASP E 15 -43.02 36.75 17.48
CA ASP E 15 -44.41 37.24 17.76
C ASP E 15 -44.59 37.42 19.27
N THR E 16 -43.79 36.71 20.09
CA THR E 16 -43.84 36.65 21.58
C THR E 16 -42.60 37.29 22.22
N PHE E 17 -41.73 37.90 21.42
CA PHE E 17 -40.51 38.57 21.92
C PHE E 17 -40.84 40.06 22.07
N VAL E 18 -40.72 40.59 23.28
CA VAL E 18 -41.05 42.01 23.52
C VAL E 18 -39.77 42.79 23.29
N ILE E 19 -39.79 43.70 22.30
CA ILE E 19 -38.62 44.57 22.03
C ILE E 19 -38.63 45.66 23.09
N GLY E 20 -37.43 45.99 23.59
CA GLY E 20 -37.07 47.15 24.41
C GLY E 20 -35.65 47.60 24.06
N SER E 21 -35.10 48.59 24.73
CA SER E 21 -33.81 49.21 24.34
C SER E 21 -32.65 48.24 24.65
N GLY E 22 -32.86 47.36 25.64
CA GLY E 22 -31.83 46.42 26.12
C GLY E 22 -31.62 45.25 25.16
N ASN E 23 -32.66 44.89 24.38
CA ASN E 23 -32.66 43.74 23.44
C ASN E 23 -32.93 44.20 21.99
N ARG E 24 -32.90 45.52 21.71
CA ARG E 24 -33.29 46.10 20.38
C ARG E 24 -32.33 45.54 19.31
N PHE E 25 -31.03 45.64 19.55
CA PHE E 25 -29.93 45.37 18.59
C PHE E 25 -29.91 43.87 18.24
N ALA E 26 -29.92 43.03 19.28
CA ALA E 26 -29.93 41.56 19.15
C ALA E 26 -31.20 41.14 18.40
N HIS E 27 -32.31 41.85 18.56
CA HIS E 27 -33.59 41.48 17.90
C HIS E 27 -33.51 41.83 16.42
N ALA E 28 -33.03 43.01 16.12
CA ALA E 28 -32.93 43.51 14.73
C ALA E 28 -32.08 42.48 13.97
N ALA E 29 -30.87 42.20 14.49
CA ALA E 29 -29.85 41.28 13.93
C ALA E 29 -30.42 39.88 13.69
N SER E 30 -31.09 39.31 14.69
CA SER E 30 -31.76 37.98 14.63
C SER E 30 -32.83 37.96 13.53
N LEU E 31 -33.64 39.01 13.39
CA LEU E 31 -34.63 39.09 12.26
C LEU E 31 -33.87 39.31 10.94
N ALA E 32 -32.84 40.15 10.94
CA ALA E 32 -32.04 40.41 9.72
C ALA E 32 -31.50 39.08 9.19
N VAL E 33 -31.04 38.21 10.09
CA VAL E 33 -30.48 36.86 9.77
C VAL E 33 -31.61 35.96 9.30
N ALA E 34 -32.79 36.07 9.88
CA ALA E 34 -33.87 35.10 9.64
C ALA E 34 -34.48 35.34 8.25
N GLU E 35 -34.53 36.60 7.84
CA GLU E 35 -35.07 37.07 6.54
C GLU E 35 -34.12 36.71 5.41
N ALA E 36 -32.83 36.61 5.74
CA ALA E 36 -31.72 36.52 4.78
C ALA E 36 -30.62 35.60 5.34
N PRO E 37 -30.92 34.29 5.45
CA PRO E 37 -29.98 33.32 6.02
C PRO E 37 -28.66 33.27 5.24
N ALA E 38 -27.55 33.39 5.96
CA ALA E 38 -26.18 33.36 5.42
C ALA E 38 -25.94 34.60 4.54
N LYS E 39 -26.86 35.55 4.47
CA LYS E 39 -26.70 36.71 3.55
C LYS E 39 -26.66 38.04 4.29
N ALA E 40 -26.92 38.12 5.61
CA ALA E 40 -26.98 39.42 6.32
C ALA E 40 -25.85 39.53 7.35
N TYR E 41 -25.81 38.65 8.34
CA TYR E 41 -24.65 38.56 9.26
C TYR E 41 -24.29 37.08 9.42
N ASN E 42 -23.04 36.71 9.13
CA ASN E 42 -22.54 35.31 9.30
C ASN E 42 -21.09 35.35 9.79
N PRO E 43 -20.78 34.97 11.06
CA PRO E 43 -21.76 34.53 12.05
C PRO E 43 -22.52 35.65 12.77
N LEU E 44 -23.57 35.29 13.48
CA LEU E 44 -24.18 36.17 14.50
C LEU E 44 -23.83 35.63 15.89
N PHE E 45 -23.09 36.42 16.68
CA PHE E 45 -22.75 36.16 18.10
C PHE E 45 -23.68 37.01 19.00
N ILE E 46 -24.56 36.36 19.75
CA ILE E 46 -25.44 37.00 20.77
C ILE E 46 -24.90 36.70 22.18
N TYR E 47 -24.55 37.69 22.99
CA TYR E 47 -24.13 37.44 24.40
C TYR E 47 -24.92 38.33 25.37
N GLY E 48 -24.85 38.04 26.67
CA GLY E 48 -25.72 38.66 27.67
C GLY E 48 -25.98 37.79 28.88
N GLY E 49 -26.45 38.42 29.96
CA GLY E 49 -26.68 37.77 31.25
C GLY E 49 -27.88 36.84 31.24
N VAL E 50 -28.14 36.26 32.40
CA VAL E 50 -29.20 35.25 32.62
C VAL E 50 -30.56 35.77 32.18
N GLY E 51 -31.37 34.88 31.61
CA GLY E 51 -32.82 35.03 31.36
C GLY E 51 -33.16 36.33 30.63
N LEU E 52 -32.45 36.65 29.54
CA LEU E 52 -32.65 37.91 28.75
C LEU E 52 -33.16 37.64 27.32
N GLY E 53 -33.43 36.37 26.99
CA GLY E 53 -34.09 35.94 25.73
C GLY E 53 -33.11 35.46 24.65
N LYS E 54 -31.84 35.21 24.97
CA LYS E 54 -30.87 34.66 23.97
C LYS E 54 -31.45 33.41 23.28
N THR E 55 -31.80 32.40 24.07
CA THR E 55 -32.36 31.11 23.58
C THR E 55 -33.65 31.39 22.80
N HIS E 56 -34.50 32.31 23.30
CA HIS E 56 -35.79 32.70 22.68
C HIS E 56 -35.52 33.22 21.27
N LEU E 57 -34.58 34.17 21.15
CA LEU E 57 -34.18 34.74 19.83
C LEU E 57 -33.73 33.60 18.91
N MET E 58 -32.89 32.71 19.42
CA MET E 58 -32.31 31.62 18.59
C MET E 58 -33.43 30.74 18.05
N HIS E 59 -34.43 30.45 18.86
CA HIS E 59 -35.57 29.59 18.43
C HIS E 59 -36.42 30.37 17.43
N ALA E 60 -36.52 31.68 17.62
CA ALA E 60 -37.36 32.53 16.76
C ALA E 60 -36.74 32.54 15.37
N ILE E 61 -35.43 32.73 15.28
CA ILE E 61 -34.70 32.62 13.97
C ILE E 61 -35.08 31.28 13.32
N GLY E 62 -35.06 30.22 14.12
CA GLY E 62 -35.32 28.87 13.62
C GLY E 62 -36.71 28.78 13.00
N HIS E 63 -37.74 29.10 13.77
CA HIS E 63 -39.15 28.97 13.32
C HIS E 63 -39.27 29.74 12.01
N TYR E 64 -38.77 30.97 11.97
CA TYR E 64 -38.95 31.92 10.84
C TYR E 64 -38.33 31.27 9.59
N VAL E 65 -37.12 30.74 9.73
CA VAL E 65 -36.40 30.17 8.56
C VAL E 65 -37.20 28.95 8.09
N ILE E 66 -37.70 28.13 9.01
CA ILE E 66 -38.40 26.86 8.67
C ILE E 66 -39.73 27.22 8.03
N ASP E 67 -40.36 28.29 8.50
CA ASP E 67 -41.75 28.62 8.08
C ASP E 67 -41.67 29.09 6.62
N HIS E 68 -40.59 29.80 6.25
CA HIS E 68 -40.39 30.44 4.93
C HIS E 68 -39.62 29.52 3.98
N ASN E 69 -39.20 28.33 4.45
CA ASN E 69 -38.37 27.40 3.66
C ASN E 69 -38.46 26.01 4.24
N PRO E 70 -39.48 25.22 3.83
CA PRO E 70 -39.62 23.83 4.25
C PRO E 70 -38.45 22.93 3.88
N SER E 71 -37.63 23.35 2.92
CA SER E 71 -36.42 22.62 2.43
C SER E 71 -35.24 22.77 3.42
N ALA E 72 -35.32 23.71 4.36
CA ALA E 72 -34.14 24.21 5.12
C ALA E 72 -33.83 23.29 6.30
N LYS E 73 -32.56 22.86 6.43
CA LYS E 73 -32.05 22.03 7.55
C LYS E 73 -31.58 22.96 8.69
N VAL E 74 -32.41 23.09 9.74
CA VAL E 74 -32.18 23.99 10.90
C VAL E 74 -31.97 23.11 12.11
N VAL E 75 -30.92 23.34 12.87
CA VAL E 75 -30.59 22.48 14.05
C VAL E 75 -30.24 23.43 15.19
N TYR E 76 -31.03 23.37 16.28
CA TYR E 76 -30.72 24.06 17.57
C TYR E 76 -30.11 23.02 18.51
N LEU E 77 -29.12 23.40 19.33
CA LEU E 77 -28.61 22.56 20.43
C LEU E 77 -27.65 23.34 21.34
N SER E 78 -27.62 23.03 22.63
CA SER E 78 -26.52 23.45 23.57
C SER E 78 -25.14 23.02 23.03
N SER E 79 -24.09 23.78 23.34
CA SER E 79 -22.69 23.37 23.05
C SER E 79 -22.40 22.04 23.80
N GLU E 80 -23.09 21.85 24.93
CA GLU E 80 -22.96 20.69 25.83
C GLU E 80 -23.53 19.44 25.15
N LYS E 81 -24.61 19.59 24.39
CA LYS E 81 -25.21 18.50 23.57
C LYS E 81 -24.24 18.18 22.44
N PHE E 82 -23.66 19.20 21.82
CA PHE E 82 -22.64 19.06 20.76
C PHE E 82 -21.47 18.26 21.34
N THR E 83 -20.84 18.73 22.43
CA THR E 83 -19.73 18.06 23.14
C THR E 83 -20.05 16.58 23.34
N ASN E 84 -21.18 16.28 23.96
CA ASN E 84 -21.50 14.89 24.37
C ASN E 84 -21.69 14.04 23.12
N GLU E 85 -22.46 14.51 22.14
CA GLU E 85 -22.79 13.73 20.92
C GLU E 85 -21.50 13.42 20.16
N PHE E 86 -20.53 14.34 20.21
CA PHE E 86 -19.23 14.24 19.51
C PHE E 86 -18.29 13.25 20.21
N ILE E 87 -18.10 13.37 21.52
CA ILE E 87 -17.33 12.39 22.37
C ILE E 87 -17.94 10.98 22.19
N ASN E 88 -19.25 10.89 22.19
CA ASN E 88 -20.00 9.64 21.92
C ASN E 88 -19.66 9.14 20.51
N SER E 89 -19.52 10.02 19.55
CA SER E 89 -19.30 9.60 18.14
C SER E 89 -17.90 8.97 18.06
N ILE E 90 -16.94 9.48 18.82
CA ILE E 90 -15.53 9.01 18.77
C ILE E 90 -15.46 7.61 19.41
N ARG E 91 -16.06 7.47 20.60
CA ARG E 91 -16.12 6.15 21.28
C ARG E 91 -16.75 5.13 20.36
N ASP E 92 -17.84 5.48 19.71
CA ASP E 92 -18.58 4.51 18.88
C ASP E 92 -18.00 4.46 17.47
N ASN E 93 -16.86 5.12 17.23
CA ASN E 93 -16.29 5.21 15.86
C ASN E 93 -17.42 5.54 14.89
N LYS E 94 -18.04 6.70 15.05
CA LYS E 94 -19.14 7.14 14.16
C LYS E 94 -18.99 8.65 13.94
N ALA E 95 -17.79 9.18 14.18
CA ALA E 95 -17.51 10.61 13.97
C ALA E 95 -17.94 11.01 12.56
N VAL E 96 -17.73 10.12 11.60
CA VAL E 96 -18.18 10.37 10.20
C VAL E 96 -19.68 10.69 10.20
N ASP E 97 -20.48 10.08 11.09
CA ASP E 97 -21.96 10.31 11.20
C ASP E 97 -22.24 11.68 11.83
N PHE E 98 -21.45 12.08 12.83
CA PHE E 98 -21.52 13.39 13.49
C PHE E 98 -21.29 14.51 12.44
N ARG E 99 -20.30 14.31 11.58
CA ARG E 99 -19.82 15.31 10.60
C ARG E 99 -20.87 15.45 9.53
N ASN E 100 -21.36 14.34 9.01
CA ASN E 100 -22.51 14.32 8.08
C ASN E 100 -23.66 15.20 8.60
N ARG E 101 -24.08 15.03 9.86
CA ARG E 101 -25.20 15.82 10.43
C ARG E 101 -24.80 17.30 10.43
N TYR E 102 -23.76 17.68 11.17
CA TYR E 102 -23.57 19.08 11.64
C TYR E 102 -22.87 19.93 10.58
N ARG E 103 -22.12 19.34 9.64
CA ARG E 103 -21.40 20.07 8.58
C ARG E 103 -22.29 20.28 7.35
N ASN E 104 -23.54 19.78 7.31
CA ASN E 104 -24.43 19.86 6.12
C ASN E 104 -25.76 20.52 6.45
N VAL E 105 -25.87 21.16 7.61
CA VAL E 105 -27.09 21.95 7.94
C VAL E 105 -27.03 23.27 7.20
N ASP E 106 -28.18 23.90 7.06
CA ASP E 106 -28.38 25.21 6.39
C ASP E 106 -28.29 26.30 7.47
N VAL E 107 -28.83 26.05 8.67
CA VAL E 107 -28.72 26.99 9.81
C VAL E 107 -28.32 26.19 11.03
N LEU E 108 -27.25 26.60 11.70
CA LEU E 108 -26.80 26.01 12.98
C LEU E 108 -26.99 27.06 14.08
N LEU E 109 -27.87 26.79 15.03
CA LEU E 109 -28.09 27.62 16.24
C LEU E 109 -27.47 26.88 17.42
N ILE E 110 -26.29 27.29 17.84
CA ILE E 110 -25.58 26.59 18.94
C ILE E 110 -25.61 27.48 20.19
N ASP E 111 -26.29 27.02 21.24
CA ASP E 111 -26.57 27.82 22.47
C ASP E 111 -25.42 27.66 23.47
N ASP E 112 -25.15 28.70 24.26
CA ASP E 112 -24.21 28.73 25.42
C ASP E 112 -22.83 28.18 25.04
N ILE E 113 -22.17 28.83 24.10
CA ILE E 113 -20.85 28.38 23.59
C ILE E 113 -19.81 28.32 24.71
N GLN E 114 -20.00 29.00 25.84
CA GLN E 114 -18.97 29.03 26.94
C GLN E 114 -18.72 27.61 27.53
N PHE E 115 -19.69 26.69 27.53
CA PHE E 115 -19.51 25.28 28.00
C PHE E 115 -18.53 24.49 27.13
N LEU E 116 -17.97 25.08 26.07
CA LEU E 116 -16.82 24.52 25.32
C LEU E 116 -15.52 24.85 26.06
N ALA E 117 -15.53 25.82 26.98
CA ALA E 117 -14.31 26.13 27.76
C ALA E 117 -13.81 24.84 28.43
N GLY E 118 -12.51 24.56 28.33
CA GLY E 118 -11.86 23.37 28.88
C GLY E 118 -12.05 22.11 28.05
N LYS E 119 -12.81 22.13 26.93
CA LYS E 119 -13.00 20.92 26.08
C LYS E 119 -12.21 21.08 24.77
N GLU E 120 -10.87 21.08 24.86
CA GLU E 120 -9.85 21.34 23.78
C GLU E 120 -10.15 20.52 22.52
N GLN E 121 -10.77 19.35 22.67
CA GLN E 121 -10.97 18.40 21.55
C GLN E 121 -12.25 18.80 20.81
N THR E 122 -13.31 19.13 21.56
CA THR E 122 -14.62 19.57 21.03
C THR E 122 -14.44 20.93 20.38
N GLN E 123 -13.63 21.79 21.00
CA GLN E 123 -13.29 23.09 20.39
C GLN E 123 -12.89 22.85 18.92
N GLU E 124 -11.82 22.09 18.69
CA GLU E 124 -11.28 21.82 17.32
C GLU E 124 -12.40 21.31 16.42
N GLU E 125 -13.23 20.40 16.91
CA GLU E 125 -14.30 19.82 16.06
C GLU E 125 -15.25 20.96 15.67
N PHE E 126 -15.52 21.88 16.60
CA PHE E 126 -16.45 23.00 16.33
C PHE E 126 -15.77 23.99 15.38
N PHE E 127 -14.46 24.22 15.51
CA PHE E 127 -13.64 25.03 14.58
C PHE E 127 -13.91 24.55 13.14
N HIS E 128 -13.52 23.32 12.84
CA HIS E 128 -13.67 22.67 11.51
C HIS E 128 -15.13 22.72 11.02
N THR E 129 -16.11 22.46 11.90
CA THR E 129 -17.56 22.54 11.58
C THR E 129 -17.92 23.95 11.11
N PHE E 130 -17.37 24.94 11.83
CA PHE E 130 -17.62 26.38 11.61
C PHE E 130 -17.10 26.69 10.21
N ASN E 131 -15.84 26.35 9.95
CA ASN E 131 -15.19 26.64 8.65
C ASN E 131 -16.02 26.00 7.52
N THR E 132 -16.48 24.76 7.71
CA THR E 132 -17.23 24.05 6.66
C THR E 132 -18.55 24.75 6.40
N LEU E 133 -19.34 25.01 7.44
CA LEU E 133 -20.63 25.74 7.29
C LEU E 133 -20.35 27.11 6.67
N HIS E 134 -19.38 27.84 7.19
CA HIS E 134 -19.07 29.20 6.66
C HIS E 134 -18.69 29.15 5.18
N GLU E 135 -17.73 28.32 4.78
CA GLU E 135 -17.20 28.34 3.39
C GLU E 135 -18.32 27.92 2.40
N GLU E 136 -19.35 27.22 2.84
CA GLU E 136 -20.46 26.69 2.02
C GLU E 136 -21.69 27.56 2.23
N SER E 137 -21.52 28.80 2.71
CA SER E 137 -22.58 29.85 2.89
C SER E 137 -23.77 29.25 3.65
N LYS E 138 -23.51 28.65 4.81
CA LYS E 138 -24.55 28.24 5.77
C LYS E 138 -24.56 29.19 6.96
N GLN E 139 -25.73 29.42 7.51
CA GLN E 139 -25.91 30.34 8.66
C GLN E 139 -25.33 29.72 9.94
N ILE E 140 -24.53 30.49 10.66
CA ILE E 140 -24.06 30.18 12.04
C ILE E 140 -24.57 31.24 13.02
N VAL E 141 -25.38 30.83 13.98
CA VAL E 141 -25.76 31.67 15.15
C VAL E 141 -25.17 31.04 16.39
N ILE E 142 -24.38 31.81 17.13
CA ILE E 142 -23.79 31.42 18.45
C ILE E 142 -24.28 32.34 19.56
N SER E 143 -24.73 31.76 20.67
CA SER E 143 -25.10 32.49 21.91
C SER E 143 -24.08 32.22 22.99
N SER E 144 -24.05 33.07 24.01
CA SER E 144 -23.01 33.08 25.06
C SER E 144 -23.50 33.89 26.26
N ASP E 145 -22.91 33.65 27.42
CA ASP E 145 -23.17 34.44 28.65
C ASP E 145 -22.16 35.58 28.66
N ARG E 146 -21.20 35.62 27.73
CA ARG E 146 -20.16 36.66 27.72
C ARG E 146 -19.52 36.82 26.34
N PRO E 147 -18.90 37.99 26.06
CA PRO E 147 -18.24 38.20 24.78
C PRO E 147 -17.05 37.28 24.54
N PRO E 148 -16.64 37.01 23.28
CA PRO E 148 -15.59 36.02 23.00
C PRO E 148 -14.28 36.11 23.79
N LYS E 149 -13.77 37.33 23.98
CA LYS E 149 -12.51 37.62 24.73
C LYS E 149 -12.56 37.09 26.17
N GLU E 150 -13.74 36.94 26.78
CA GLU E 150 -13.96 36.53 28.21
C GLU E 150 -14.20 35.02 28.34
N ILE E 151 -14.29 34.29 27.22
CA ILE E 151 -14.46 32.81 27.28
C ILE E 151 -13.06 32.19 27.39
N PRO E 152 -12.79 31.40 28.45
CA PRO E 152 -11.45 30.86 28.67
C PRO E 152 -11.09 29.61 27.87
N THR E 153 -9.80 29.35 27.70
CA THR E 153 -9.30 28.14 26.97
C THR E 153 -9.42 28.33 25.46
N LEU E 154 -10.28 29.24 25.02
CA LEU E 154 -10.52 29.42 23.56
C LEU E 154 -9.22 29.78 22.85
N GLU E 155 -8.95 29.14 21.73
CA GLU E 155 -7.74 29.44 20.93
C GLU E 155 -7.96 30.72 20.12
N ASP E 156 -6.87 31.34 19.67
CA ASP E 156 -6.92 32.61 18.91
C ASP E 156 -7.74 32.45 17.64
N ARG E 157 -7.56 31.33 16.95
CA ARG E 157 -8.19 31.10 15.63
C ARG E 157 -9.71 30.90 15.81
N LEU E 158 -10.16 30.36 16.94
CA LEU E 158 -11.62 30.20 17.12
C LEU E 158 -12.22 31.57 17.52
N ARG E 159 -11.63 32.27 18.49
CA ARG E 159 -12.13 33.57 19.04
C ARG E 159 -12.24 34.57 17.86
N SER E 160 -11.19 34.66 17.05
CA SER E 160 -11.16 35.34 15.74
C SER E 160 -12.46 35.14 14.94
N ARG E 161 -12.92 33.90 14.79
CA ARG E 161 -14.09 33.56 13.95
C ARG E 161 -15.38 34.05 14.63
N PHE E 162 -15.41 34.02 15.96
CA PHE E 162 -16.55 34.52 16.76
C PHE E 162 -16.68 36.03 16.57
N GLU E 163 -15.59 36.70 16.20
CA GLU E 163 -15.49 38.19 16.12
C GLU E 163 -15.57 38.67 14.67
N TRP E 164 -15.68 37.77 13.70
CA TRP E 164 -15.60 38.07 12.25
C TRP E 164 -16.93 38.65 11.74
N GLY E 165 -18.01 38.39 12.47
CA GLY E 165 -19.37 38.74 12.03
C GLY E 165 -19.90 39.82 12.92
N LEU E 166 -21.18 39.78 13.23
CA LEU E 166 -21.80 40.75 14.16
C LEU E 166 -21.85 40.11 15.54
N ILE E 167 -21.36 40.85 16.54
CA ILE E 167 -21.67 40.62 17.97
C ILE E 167 -22.73 41.66 18.41
N THR E 168 -23.80 41.18 19.04
CA THR E 168 -24.86 41.97 19.73
C THR E 168 -24.90 41.49 21.19
N ASP E 169 -24.71 42.41 22.13
CA ASP E 169 -25.00 42.19 23.57
C ASP E 169 -26.49 42.46 23.80
N ILE E 170 -27.08 41.83 24.81
CA ILE E 170 -28.41 42.15 25.41
C ILE E 170 -28.21 42.57 26.87
N THR E 171 -28.84 43.68 27.23
CA THR E 171 -28.74 44.20 28.62
C THR E 171 -30.12 44.02 29.26
N PRO E 172 -30.23 44.01 30.60
CA PRO E 172 -31.51 43.73 31.25
C PRO E 172 -32.62 44.73 30.88
N PRO E 173 -33.90 44.31 30.89
CA PRO E 173 -35.00 45.18 30.48
C PRO E 173 -35.49 46.19 31.51
N ASP E 174 -36.02 47.32 31.04
CA ASP E 174 -36.53 48.40 31.94
C ASP E 174 -37.94 48.07 32.41
N LEU E 175 -38.53 48.94 33.21
CA LEU E 175 -39.87 48.69 33.79
C LEU E 175 -40.91 48.59 32.68
N GLU E 176 -40.89 49.55 31.76
CA GLU E 176 -41.87 49.56 30.66
C GLU E 176 -41.83 48.19 29.99
N THR E 177 -40.63 47.72 29.68
CA THR E 177 -40.49 46.42 28.97
C THR E 177 -40.94 45.25 29.85
N ARG E 178 -40.46 45.17 31.11
CA ARG E 178 -40.97 44.21 32.13
C ARG E 178 -42.50 44.22 32.09
N ILE E 179 -43.12 45.41 32.28
CA ILE E 179 -44.61 45.54 32.24
C ILE E 179 -45.10 44.87 30.94
N ALA E 180 -44.52 45.23 29.79
CA ALA E 180 -45.04 44.83 28.45
C ALA E 180 -44.95 43.29 28.29
N ILE E 181 -43.88 42.72 28.85
CA ILE E 181 -43.58 41.25 28.88
C ILE E 181 -44.69 40.56 29.68
N LEU E 182 -44.93 41.05 30.90
CA LEU E 182 -45.99 40.55 31.82
C LEU E 182 -47.34 40.65 31.12
N ARG E 183 -47.62 41.82 30.49
CA ARG E 183 -48.85 42.01 29.68
C ARG E 183 -48.94 40.86 28.69
N LYS E 184 -47.84 40.59 27.98
CA LYS E 184 -47.81 39.65 26.83
C LYS E 184 -47.99 38.21 27.32
N LYS E 185 -47.30 37.81 28.39
CA LYS E 185 -47.49 36.48 29.06
C LYS E 185 -48.96 36.34 29.51
N ALA E 186 -49.56 37.42 30.02
CA ALA E 186 -50.91 37.42 30.61
C ALA E 186 -51.95 37.34 29.48
N LYS E 187 -51.77 38.12 28.42
CA LYS E 187 -52.58 38.03 27.17
C LYS E 187 -52.54 36.59 26.67
N ALA E 188 -51.34 35.97 26.62
CA ALA E 188 -51.14 34.58 26.15
C ALA E 188 -52.03 33.60 26.92
N GLU E 189 -52.09 33.68 28.26
CA GLU E 189 -52.90 32.75 29.11
C GLU E 189 -54.39 33.16 29.13
N GLY E 190 -54.73 34.39 28.73
CA GLY E 190 -56.10 34.90 28.63
C GLY E 190 -56.65 35.39 29.97
N LEU E 191 -55.92 36.28 30.65
CA LEU E 191 -56.19 36.77 32.05
C LEU E 191 -56.35 38.29 32.03
N ASP E 192 -57.19 38.80 32.93
CA ASP E 192 -57.47 40.25 33.03
C ASP E 192 -56.74 40.80 34.27
N ILE E 193 -55.48 41.15 34.14
CA ILE E 193 -54.67 41.58 35.31
C ILE E 193 -54.49 43.09 35.27
N PRO E 194 -54.96 43.82 36.30
CA PRO E 194 -54.85 45.29 36.30
C PRO E 194 -53.42 45.86 36.30
N ASN E 195 -53.22 46.93 35.51
CA ASN E 195 -51.90 47.57 35.26
C ASN E 195 -51.22 47.90 36.59
N GLU E 196 -52.02 48.00 37.64
CA GLU E 196 -51.53 48.26 39.02
C GLU E 196 -50.65 47.07 39.44
N VAL E 197 -51.12 45.84 39.17
CA VAL E 197 -50.42 44.57 39.56
C VAL E 197 -49.12 44.44 38.78
N MET E 198 -49.21 44.53 37.44
CA MET E 198 -48.04 44.46 36.52
C MET E 198 -46.98 45.47 36.96
N LEU E 199 -47.42 46.66 37.38
CA LEU E 199 -46.50 47.75 37.82
C LEU E 199 -45.89 47.37 39.17
N TYR E 200 -46.61 46.61 40.01
CA TYR E 200 -46.07 46.19 41.33
C TYR E 200 -44.97 45.13 41.10
N ILE E 201 -45.26 44.11 40.27
CA ILE E 201 -44.32 42.98 39.98
C ILE E 201 -43.04 43.52 39.33
N ALA E 202 -43.19 44.26 38.24
CA ALA E 202 -42.08 44.85 37.47
C ALA E 202 -41.16 45.67 38.38
N ASN E 203 -41.70 46.39 39.38
CA ASN E 203 -40.91 47.29 40.27
C ASN E 203 -40.08 46.44 41.25
N GLN E 204 -40.66 45.35 41.72
CA GLN E 204 -40.00 44.49 42.73
C GLN E 204 -39.06 43.48 42.08
N ILE E 205 -39.40 43.02 40.87
CA ILE E 205 -38.58 41.99 40.18
C ILE E 205 -37.75 42.66 39.06
N ASP E 206 -36.54 43.10 39.38
CA ASP E 206 -35.63 43.68 38.36
C ASP E 206 -34.40 42.77 38.26
N SER E 207 -34.53 41.65 37.56
CA SER E 207 -33.43 40.65 37.52
C SER E 207 -33.40 39.97 36.15
N ASN E 208 -34.18 38.90 36.00
CA ASN E 208 -34.26 38.14 34.72
C ASN E 208 -35.75 37.89 34.49
N ILE E 209 -36.15 37.55 33.28
CA ILE E 209 -37.61 37.43 33.02
C ILE E 209 -38.09 36.05 33.51
N ARG E 210 -37.16 35.21 33.91
CA ARG E 210 -37.58 33.91 34.47
C ARG E 210 -38.17 34.19 35.86
N GLU E 211 -37.48 34.99 36.66
CA GLU E 211 -38.01 35.36 38.00
C GLU E 211 -39.30 36.16 37.80
N LEU E 212 -39.29 37.11 36.85
CA LEU E 212 -40.49 37.91 36.44
C LEU E 212 -41.65 36.96 36.07
N GLU E 213 -41.44 35.99 35.19
CA GLU E 213 -42.51 35.02 34.86
C GLU E 213 -42.97 34.29 36.13
N GLY E 214 -42.02 34.02 37.04
CA GLY E 214 -42.23 33.21 38.25
C GLY E 214 -43.17 33.89 39.21
N ALA E 215 -42.87 35.15 39.53
CA ALA E 215 -43.75 36.09 40.26
C ALA E 215 -45.19 36.06 39.71
N LEU E 216 -45.37 36.28 38.41
CA LEU E 216 -46.72 36.30 37.81
C LEU E 216 -47.36 34.93 38.07
N ILE E 217 -46.62 33.83 37.91
CA ILE E 217 -47.24 32.47 38.01
C ILE E 217 -47.74 32.24 39.45
N ARG E 218 -46.95 32.70 40.44
CA ARG E 218 -47.24 32.61 41.88
C ARG E 218 -48.49 33.43 42.22
N VAL E 219 -48.42 34.74 41.93
CA VAL E 219 -49.54 35.72 42.10
C VAL E 219 -50.81 35.10 41.51
N VAL E 220 -50.76 34.58 40.30
CA VAL E 220 -51.95 33.97 39.63
C VAL E 220 -52.44 32.73 40.40
N ALA E 221 -51.51 31.89 40.88
CA ALA E 221 -51.82 30.59 41.51
C ALA E 221 -52.37 30.85 42.90
N TYR E 222 -51.77 31.83 43.58
CA TYR E 222 -52.22 32.36 44.89
C TYR E 222 -53.66 32.85 44.77
N SER E 223 -53.93 33.69 43.78
CA SER E 223 -55.30 34.15 43.50
C SER E 223 -56.15 32.92 43.24
N SER E 224 -55.71 31.96 42.44
CA SER E 224 -56.62 30.82 42.15
C SER E 224 -57.00 30.08 43.43
N LEU E 225 -56.06 29.89 44.36
CA LEU E 225 -56.30 29.14 45.61
C LEU E 225 -57.23 29.90 46.55
N ILE E 226 -56.87 31.14 46.91
CA ILE E 226 -57.69 31.95 47.86
C ILE E 226 -59.06 32.25 47.26
N ASN E 227 -59.20 32.20 45.94
CA ASN E 227 -60.48 32.54 45.27
C ASN E 227 -60.74 34.03 45.46
N LYS E 228 -59.75 34.87 45.16
CA LYS E 228 -59.90 36.32 45.28
C LYS E 228 -59.36 36.98 44.01
N ASP E 229 -60.10 37.94 43.46
CA ASP E 229 -59.66 38.66 42.24
C ASP E 229 -58.27 39.25 42.47
N ILE E 230 -57.46 39.35 41.41
CA ILE E 230 -56.05 39.78 41.54
C ILE E 230 -56.05 41.29 41.74
N ASN E 231 -55.48 41.76 42.86
CA ASN E 231 -55.28 43.20 43.15
C ASN E 231 -53.84 43.37 43.62
N ALA E 232 -53.35 44.59 43.76
CA ALA E 232 -51.93 44.91 44.05
C ALA E 232 -51.50 44.48 45.45
N ASP E 233 -52.46 44.24 46.37
CA ASP E 233 -52.17 43.86 47.79
C ASP E 233 -52.15 42.33 47.91
N LEU E 234 -52.99 41.66 47.12
CA LEU E 234 -52.96 40.20 46.88
C LEU E 234 -51.58 39.84 46.31
N ALA E 235 -51.07 40.63 45.36
CA ALA E 235 -49.76 40.46 44.70
C ALA E 235 -48.63 40.63 45.71
N ALA E 236 -48.73 41.61 46.61
CA ALA E 236 -47.65 41.93 47.58
C ALA E 236 -47.46 40.78 48.55
N GLU E 237 -48.57 40.14 48.93
CA GLU E 237 -48.54 39.03 49.92
C GLU E 237 -48.13 37.73 49.23
N ALA E 238 -48.60 37.50 48.02
CA ALA E 238 -48.21 36.31 47.24
C ALA E 238 -46.69 36.31 47.09
N LEU E 239 -46.07 37.48 46.95
CA LEU E 239 -44.60 37.53 46.70
C LEU E 239 -43.89 37.92 48.00
N LYS E 240 -44.65 38.15 49.06
CA LYS E 240 -44.07 38.55 50.37
C LYS E 240 -42.81 37.74 50.65
N ASP E 241 -42.81 36.46 50.31
CA ASP E 241 -41.64 35.58 50.56
C ASP E 241 -40.95 35.26 49.23
#